data_1A1U
# 
_entry.id   1A1U 
# 
_audit_conform.dict_name       mmcif_pdbx.dic 
_audit_conform.dict_version    5.392 
_audit_conform.dict_location   http://mmcif.pdb.org/dictionaries/ascii/mmcif_pdbx.dic 
# 
loop_
_database_2.database_id 
_database_2.database_code 
_database_2.pdbx_database_accession 
_database_2.pdbx_DOI 
PDB   1A1U         pdb_00001a1u 10.2210/pdb1a1u/pdb 
WWPDB D_1000170288 ?            ?                   
# 
loop_
_pdbx_audit_revision_history.ordinal 
_pdbx_audit_revision_history.data_content_type 
_pdbx_audit_revision_history.major_revision 
_pdbx_audit_revision_history.minor_revision 
_pdbx_audit_revision_history.revision_date 
1 'Structure model' 1 0 1998-04-08 
2 'Structure model' 1 1 2008-03-24 
3 'Structure model' 1 2 2011-07-13 
4 'Structure model' 1 3 2022-02-16 
5 'Structure model' 1 4 2024-05-22 
# 
_pdbx_audit_revision_details.ordinal             1 
_pdbx_audit_revision_details.revision_ordinal    1 
_pdbx_audit_revision_details.data_content_type   'Structure model' 
_pdbx_audit_revision_details.provider            repository 
_pdbx_audit_revision_details.type                'Initial release' 
_pdbx_audit_revision_details.description         ? 
_pdbx_audit_revision_details.details             ? 
# 
loop_
_pdbx_audit_revision_group.ordinal 
_pdbx_audit_revision_group.revision_ordinal 
_pdbx_audit_revision_group.data_content_type 
_pdbx_audit_revision_group.group 
1 2 'Structure model' 'Version format compliance' 
2 3 'Structure model' 'Version format compliance' 
3 4 'Structure model' 'Database references'       
4 4 'Structure model' 'Derived calculations'      
5 4 'Structure model' Other                       
6 5 'Structure model' 'Data collection'           
# 
loop_
_pdbx_audit_revision_category.ordinal 
_pdbx_audit_revision_category.revision_ordinal 
_pdbx_audit_revision_category.data_content_type 
_pdbx_audit_revision_category.category 
1 4 'Structure model' database_2            
2 4 'Structure model' pdbx_database_status  
3 4 'Structure model' pdbx_struct_assembly  
4 4 'Structure model' pdbx_struct_oper_list 
5 4 'Structure model' struct_sheet          
6 5 'Structure model' chem_comp_atom        
7 5 'Structure model' chem_comp_bond        
# 
loop_
_pdbx_audit_revision_item.ordinal 
_pdbx_audit_revision_item.revision_ordinal 
_pdbx_audit_revision_item.data_content_type 
_pdbx_audit_revision_item.item 
1 4 'Structure model' '_database_2.pdbx_DOI'                
2 4 'Structure model' '_database_2.pdbx_database_accession' 
3 4 'Structure model' '_pdbx_database_status.process_site'  
4 4 'Structure model' '_struct_sheet.number_strands'        
# 
_pdbx_database_status.status_code                     REL 
_pdbx_database_status.entry_id                        1A1U 
_pdbx_database_status.recvd_initial_deposition_date   1997-12-16 
_pdbx_database_status.deposit_site                    ? 
_pdbx_database_status.process_site                    BNL 
_pdbx_database_status.SG_entry                        . 
_pdbx_database_status.pdb_format_compatible           Y 
_pdbx_database_status.status_code_mr                  ? 
_pdbx_database_status.status_code_sf                  ? 
_pdbx_database_status.status_code_cs                  ? 
_pdbx_database_status.status_code_nmr_data            ? 
_pdbx_database_status.methods_development_category    ? 
# 
loop_
_audit_author.name 
_audit_author.pdbx_ordinal 
'Mccoy, M.A.'       1 
'Stavridi, E.S.'    2 
'Waterman, J.L.F.'  3 
'Wieczorek, A.'     4 
'Opella, S.J.'      5 
'Halezonetis, T.D.' 6 
# 
_citation.id                        primary 
_citation.title                     
'Hydrophobic side-chain size is a determinant of the three-dimensional structure of the p53 oligomerization domain.' 
_citation.journal_abbrev            'EMBO J.' 
_citation.journal_volume            16 
_citation.page_first                6230 
_citation.page_last                 6236 
_citation.year                      1997 
_citation.journal_id_ASTM           EMJODG 
_citation.country                   UK 
_citation.journal_id_ISSN           0261-4189 
_citation.journal_id_CSD            0897 
_citation.book_publisher            ? 
_citation.pdbx_database_id_PubMed   9321402 
_citation.pdbx_database_id_DOI      10.1093/emboj/16.20.6230 
# 
loop_
_citation_author.citation_id 
_citation_author.name 
_citation_author.ordinal 
_citation_author.identifier_ORCID 
primary 'McCoy, M.'         1 ? 
primary 'Stavridi, E.S.'    2 ? 
primary 'Waterman, J.L.'    3 ? 
primary 'Wieczorek, A.M.'   4 ? 
primary 'Opella, S.J.'      5 ? 
primary 'Halazonetis, T.D.' 6 ? 
# 
_entity.id                         1 
_entity.type                       polymer 
_entity.src_method                 man 
_entity.pdbx_description           P53 
_entity.formula_weight             4210.639 
_entity.pdbx_number_of_molecules   2 
_entity.pdbx_ec                    ? 
_entity.pdbx_mutation              'M40K, F41I, L44Y' 
_entity.pdbx_fragment              OLIGOMERIZATION 
_entity.details                    ? 
# 
_entity_poly.entity_id                      1 
_entity_poly.type                           'polypeptide(L)' 
_entity_poly.nstd_linkage                   no 
_entity_poly.nstd_monomer                   no 
_entity_poly.pdbx_seq_one_letter_code       DGEYFTLQIRGRERFEKIREYNEALELKDAQAGKE 
_entity_poly.pdbx_seq_one_letter_code_can   DGEYFTLQIRGRERFEKIREYNEALELKDAQAGKE 
_entity_poly.pdbx_strand_id                 A,C 
_entity_poly.pdbx_target_identifier         ? 
# 
loop_
_entity_poly_seq.entity_id 
_entity_poly_seq.num 
_entity_poly_seq.mon_id 
_entity_poly_seq.hetero 
1 1  ASP n 
1 2  GLY n 
1 3  GLU n 
1 4  TYR n 
1 5  PHE n 
1 6  THR n 
1 7  LEU n 
1 8  GLN n 
1 9  ILE n 
1 10 ARG n 
1 11 GLY n 
1 12 ARG n 
1 13 GLU n 
1 14 ARG n 
1 15 PHE n 
1 16 GLU n 
1 17 LYS n 
1 18 ILE n 
1 19 ARG n 
1 20 GLU n 
1 21 TYR n 
1 22 ASN n 
1 23 GLU n 
1 24 ALA n 
1 25 LEU n 
1 26 GLU n 
1 27 LEU n 
1 28 LYS n 
1 29 ASP n 
1 30 ALA n 
1 31 GLN n 
1 32 ALA n 
1 33 GLY n 
1 34 LYS n 
1 35 GLU n 
# 
_entity_src_gen.entity_id                          1 
_entity_src_gen.pdbx_src_id                        1 
_entity_src_gen.pdbx_alt_source_flag               sample 
_entity_src_gen.pdbx_seq_type                      ? 
_entity_src_gen.pdbx_beg_seq_num                   ? 
_entity_src_gen.pdbx_end_seq_num                   ? 
_entity_src_gen.gene_src_common_name               human 
_entity_src_gen.gene_src_genus                     Homo 
_entity_src_gen.pdbx_gene_src_gene                 'P53 TUMOR SUPPRESSOR' 
_entity_src_gen.gene_src_species                   ? 
_entity_src_gen.gene_src_strain                    ? 
_entity_src_gen.gene_src_tissue                    ? 
_entity_src_gen.gene_src_tissue_fraction           ? 
_entity_src_gen.gene_src_details                   ? 
_entity_src_gen.pdbx_gene_src_fragment             ? 
_entity_src_gen.pdbx_gene_src_scientific_name      'Homo sapiens' 
_entity_src_gen.pdbx_gene_src_ncbi_taxonomy_id     9606 
_entity_src_gen.pdbx_gene_src_variant              ? 
_entity_src_gen.pdbx_gene_src_cell_line            ? 
_entity_src_gen.pdbx_gene_src_atcc                 ? 
_entity_src_gen.pdbx_gene_src_organ                ? 
_entity_src_gen.pdbx_gene_src_organelle            ? 
_entity_src_gen.pdbx_gene_src_cell                 ? 
_entity_src_gen.pdbx_gene_src_cellular_location    ? 
_entity_src_gen.host_org_common_name               ? 
_entity_src_gen.pdbx_host_org_scientific_name      'Escherichia coli' 
_entity_src_gen.pdbx_host_org_ncbi_taxonomy_id     562 
_entity_src_gen.host_org_genus                     Escherichia 
_entity_src_gen.pdbx_host_org_gene                 ? 
_entity_src_gen.pdbx_host_org_organ                ? 
_entity_src_gen.host_org_species                   ? 
_entity_src_gen.pdbx_host_org_tissue               ? 
_entity_src_gen.pdbx_host_org_tissue_fraction      ? 
_entity_src_gen.pdbx_host_org_strain               ? 
_entity_src_gen.pdbx_host_org_variant              ? 
_entity_src_gen.pdbx_host_org_cell_line            ? 
_entity_src_gen.pdbx_host_org_atcc                 ? 
_entity_src_gen.pdbx_host_org_culture_collection   ? 
_entity_src_gen.pdbx_host_org_cell                 ? 
_entity_src_gen.pdbx_host_org_organelle            ? 
_entity_src_gen.pdbx_host_org_cellular_location    ? 
_entity_src_gen.pdbx_host_org_vector_type          ? 
_entity_src_gen.pdbx_host_org_vector               ? 
_entity_src_gen.host_org_details                   ? 
_entity_src_gen.expression_system_id               ? 
_entity_src_gen.plasmid_name                       ? 
_entity_src_gen.plasmid_details                    ? 
_entity_src_gen.pdbx_description                   ? 
# 
loop_
_chem_comp.id 
_chem_comp.type 
_chem_comp.mon_nstd_flag 
_chem_comp.name 
_chem_comp.pdbx_synonyms 
_chem_comp.formula 
_chem_comp.formula_weight 
ALA 'L-peptide linking' y ALANINE         ? 'C3 H7 N O2'     89.093  
ARG 'L-peptide linking' y ARGININE        ? 'C6 H15 N4 O2 1' 175.209 
ASN 'L-peptide linking' y ASPARAGINE      ? 'C4 H8 N2 O3'    132.118 
ASP 'L-peptide linking' y 'ASPARTIC ACID' ? 'C4 H7 N O4'     133.103 
GLN 'L-peptide linking' y GLUTAMINE       ? 'C5 H10 N2 O3'   146.144 
GLU 'L-peptide linking' y 'GLUTAMIC ACID' ? 'C5 H9 N O4'     147.129 
GLY 'peptide linking'   y GLYCINE         ? 'C2 H5 N O2'     75.067  
ILE 'L-peptide linking' y ISOLEUCINE      ? 'C6 H13 N O2'    131.173 
LEU 'L-peptide linking' y LEUCINE         ? 'C6 H13 N O2'    131.173 
LYS 'L-peptide linking' y LYSINE          ? 'C6 H15 N2 O2 1' 147.195 
PHE 'L-peptide linking' y PHENYLALANINE   ? 'C9 H11 N O2'    165.189 
THR 'L-peptide linking' y THREONINE       ? 'C4 H9 N O3'     119.119 
TYR 'L-peptide linking' y TYROSINE        ? 'C9 H11 N O3'    181.189 
# 
loop_
_pdbx_poly_seq_scheme.asym_id 
_pdbx_poly_seq_scheme.entity_id 
_pdbx_poly_seq_scheme.seq_id 
_pdbx_poly_seq_scheme.mon_id 
_pdbx_poly_seq_scheme.ndb_seq_num 
_pdbx_poly_seq_scheme.pdb_seq_num 
_pdbx_poly_seq_scheme.auth_seq_num 
_pdbx_poly_seq_scheme.pdb_mon_id 
_pdbx_poly_seq_scheme.auth_mon_id 
_pdbx_poly_seq_scheme.pdb_strand_id 
_pdbx_poly_seq_scheme.pdb_ins_code 
_pdbx_poly_seq_scheme.hetero 
A 1 1  ASP 1  24 ?  ?   ?   A . n 
A 1 2  GLY 2  25 ?  ?   ?   A . n 
A 1 3  GLU 3  26 26 GLU GLU A . n 
A 1 4  TYR 4  27 27 TYR TYR A . n 
A 1 5  PHE 5  28 28 PHE PHE A . n 
A 1 6  THR 6  29 29 THR THR A . n 
A 1 7  LEU 7  30 30 LEU LEU A . n 
A 1 8  GLN 8  31 31 GLN GLN A . n 
A 1 9  ILE 9  32 32 ILE ILE A . n 
A 1 10 ARG 10 33 33 ARG ARG A . n 
A 1 11 GLY 11 34 34 GLY GLY A . n 
A 1 12 ARG 12 35 35 ARG ARG A . n 
A 1 13 GLU 13 36 36 GLU GLU A . n 
A 1 14 ARG 14 37 37 ARG ARG A . n 
A 1 15 PHE 15 38 38 PHE PHE A . n 
A 1 16 GLU 16 39 39 GLU GLU A . n 
A 1 17 LYS 17 40 40 LYS LYS A . n 
A 1 18 ILE 18 41 41 ILE ILE A . n 
A 1 19 ARG 19 42 42 ARG ARG A . n 
A 1 20 GLU 20 43 43 GLU GLU A . n 
A 1 21 TYR 21 44 44 TYR TYR A . n 
A 1 22 ASN 22 45 45 ASN ASN A . n 
A 1 23 GLU 23 46 46 GLU GLU A . n 
A 1 24 ALA 24 47 47 ALA ALA A . n 
A 1 25 LEU 25 48 48 LEU LEU A . n 
A 1 26 GLU 26 49 49 GLU GLU A . n 
A 1 27 LEU 27 50 50 LEU LEU A . n 
A 1 28 LYS 28 51 51 LYS LYS A . n 
A 1 29 ASP 29 52 52 ASP ASP A . n 
A 1 30 ALA 30 53 53 ALA ALA A . n 
A 1 31 GLN 31 54 54 GLN GLN A . n 
A 1 32 ALA 32 55 ?  ?   ?   A . n 
A 1 33 GLY 33 56 ?  ?   ?   A . n 
A 1 34 LYS 34 57 ?  ?   ?   A . n 
A 1 35 GLU 35 58 ?  ?   ?   A . n 
B 1 1  ASP 1  24 ?  ?   ?   C . n 
B 1 2  GLY 2  25 ?  ?   ?   C . n 
B 1 3  GLU 3  26 26 GLU GLU C . n 
B 1 4  TYR 4  27 27 TYR TYR C . n 
B 1 5  PHE 5  28 28 PHE PHE C . n 
B 1 6  THR 6  29 29 THR THR C . n 
B 1 7  LEU 7  30 30 LEU LEU C . n 
B 1 8  GLN 8  31 31 GLN GLN C . n 
B 1 9  ILE 9  32 32 ILE ILE C . n 
B 1 10 ARG 10 33 33 ARG ARG C . n 
B 1 11 GLY 11 34 34 GLY GLY C . n 
B 1 12 ARG 12 35 35 ARG ARG C . n 
B 1 13 GLU 13 36 36 GLU GLU C . n 
B 1 14 ARG 14 37 37 ARG ARG C . n 
B 1 15 PHE 15 38 38 PHE PHE C . n 
B 1 16 GLU 16 39 39 GLU GLU C . n 
B 1 17 LYS 17 40 40 LYS LYS C . n 
B 1 18 ILE 18 41 41 ILE ILE C . n 
B 1 19 ARG 19 42 42 ARG ARG C . n 
B 1 20 GLU 20 43 43 GLU GLU C . n 
B 1 21 TYR 21 44 44 TYR TYR C . n 
B 1 22 ASN 22 45 45 ASN ASN C . n 
B 1 23 GLU 23 46 46 GLU GLU C . n 
B 1 24 ALA 24 47 47 ALA ALA C . n 
B 1 25 LEU 25 48 48 LEU LEU C . n 
B 1 26 GLU 26 49 49 GLU GLU C . n 
B 1 27 LEU 27 50 50 LEU LEU C . n 
B 1 28 LYS 28 51 51 LYS LYS C . n 
B 1 29 ASP 29 52 52 ASP ASP C . n 
B 1 30 ALA 30 53 53 ALA ALA C . n 
B 1 31 GLN 31 54 54 GLN GLN C . n 
B 1 32 ALA 32 55 ?  ?   ?   C . n 
B 1 33 GLY 33 56 ?  ?   ?   C . n 
B 1 34 LYS 34 57 ?  ?   ?   C . n 
B 1 35 GLU 35 58 ?  ?   ?   C . n 
# 
loop_
_software.name 
_software.classification 
_software.version 
_software.citation_id 
_software.pdbx_ordinal 
X-PLOR 'model building' . ? 1 
X-PLOR refinement       . ? 2 
X-PLOR phasing          . ? 3 
# 
_cell.entry_id           1A1U 
_cell.length_a           1.000 
_cell.length_b           1.000 
_cell.length_c           1.000 
_cell.angle_alpha        90.00 
_cell.angle_beta         90.00 
_cell.angle_gamma        90.00 
_cell.Z_PDB              1 
_cell.pdbx_unique_axis   ? 
# 
_symmetry.entry_id                         1A1U 
_symmetry.space_group_name_H-M             'P 1' 
_symmetry.pdbx_full_space_group_name_H-M   ? 
_symmetry.cell_setting                     ? 
_symmetry.Int_Tables_number                1 
# 
_exptl.entry_id          1A1U 
_exptl.method            'SOLUTION NMR' 
_exptl.crystals_number   ? 
# 
_struct.entry_id                  1A1U 
_struct.title                     
'SOLUTION STRUCTURE DETERMINATION OF A P53 MUTANT DIMERIZATION DOMAIN, NMR, MINIMIZED AVERAGE STRUCTURE' 
_struct.pdbx_model_details        ? 
_struct.pdbx_CASP_flag            ? 
_struct.pdbx_model_type_details   ? 
# 
_struct_keywords.entry_id        1A1U 
_struct_keywords.pdbx_keywords   ANTI-ONCOGENE 
_struct_keywords.text            'P53, OLIGOMERIZATION DOMAIN, HUMAN, ANTI-ONCOGENE' 
# 
loop_
_struct_asym.id 
_struct_asym.pdbx_blank_PDB_chainid_flag 
_struct_asym.pdbx_modified 
_struct_asym.entity_id 
_struct_asym.details 
A N N 1 ? 
B N N 1 ? 
# 
_struct_ref.id                         1 
_struct_ref.db_name                    UNP 
_struct_ref.db_code                    P53_HUMAN 
_struct_ref.pdbx_db_accession          P04637 
_struct_ref.entity_id                  1 
_struct_ref.pdbx_align_begin           324 
_struct_ref.pdbx_db_isoform            ? 
_struct_ref.pdbx_seq_one_letter_code   ? 
# 
loop_
_struct_ref_seq.align_id 
_struct_ref_seq.ref_id 
_struct_ref_seq.pdbx_PDB_id_code 
_struct_ref_seq.pdbx_strand_id 
_struct_ref_seq.seq_align_beg 
_struct_ref_seq.pdbx_seq_align_beg_ins_code 
_struct_ref_seq.seq_align_end 
_struct_ref_seq.pdbx_seq_align_end_ins_code 
_struct_ref_seq.pdbx_db_accession 
_struct_ref_seq.db_align_beg 
_struct_ref_seq.pdbx_db_align_beg_ins_code 
_struct_ref_seq.db_align_end 
_struct_ref_seq.pdbx_db_align_end_ins_code 
_struct_ref_seq.pdbx_auth_seq_align_beg 
_struct_ref_seq.pdbx_auth_seq_align_end 
1 1 1A1U A 1 ? 35 ? P04637 324 ? 358 ? 24 58 
2 1 1A1U C 1 ? 35 ? P04637 324 ? 358 ? 24 58 
# 
_pdbx_struct_assembly.id                   1 
_pdbx_struct_assembly.details              author_defined_assembly 
_pdbx_struct_assembly.method_details       ? 
_pdbx_struct_assembly.oligomeric_details   dimeric 
_pdbx_struct_assembly.oligomeric_count     2 
# 
_pdbx_struct_assembly_gen.assembly_id       1 
_pdbx_struct_assembly_gen.oper_expression   1 
_pdbx_struct_assembly_gen.asym_id_list      A,B 
# 
_pdbx_struct_oper_list.id                   1 
_pdbx_struct_oper_list.type                 'identity operation' 
_pdbx_struct_oper_list.name                 1_555 
_pdbx_struct_oper_list.symmetry_operation   x,y,z 
_pdbx_struct_oper_list.matrix[1][1]         1.0000000000 
_pdbx_struct_oper_list.matrix[1][2]         0.0000000000 
_pdbx_struct_oper_list.matrix[1][3]         0.0000000000 
_pdbx_struct_oper_list.vector[1]            0.0000000000 
_pdbx_struct_oper_list.matrix[2][1]         0.0000000000 
_pdbx_struct_oper_list.matrix[2][2]         1.0000000000 
_pdbx_struct_oper_list.matrix[2][3]         0.0000000000 
_pdbx_struct_oper_list.vector[2]            0.0000000000 
_pdbx_struct_oper_list.matrix[3][1]         0.0000000000 
_pdbx_struct_oper_list.matrix[3][2]         0.0000000000 
_pdbx_struct_oper_list.matrix[3][3]         1.0000000000 
_pdbx_struct_oper_list.vector[3]            0.0000000000 
# 
_struct_biol.id   1 
# 
loop_
_struct_conf.conf_type_id 
_struct_conf.id 
_struct_conf.pdbx_PDB_helix_id 
_struct_conf.beg_label_comp_id 
_struct_conf.beg_label_asym_id 
_struct_conf.beg_label_seq_id 
_struct_conf.pdbx_beg_PDB_ins_code 
_struct_conf.end_label_comp_id 
_struct_conf.end_label_asym_id 
_struct_conf.end_label_seq_id 
_struct_conf.pdbx_end_PDB_ins_code 
_struct_conf.beg_auth_comp_id 
_struct_conf.beg_auth_asym_id 
_struct_conf.beg_auth_seq_id 
_struct_conf.end_auth_comp_id 
_struct_conf.end_auth_asym_id 
_struct_conf.end_auth_seq_id 
_struct_conf.pdbx_PDB_helix_class 
_struct_conf.details 
_struct_conf.pdbx_PDB_helix_length 
HELX_P HELX_P1 1 ARG A 12 ? ASP A 29 ? ARG A 35 ASP A 52 1 ? 18 
HELX_P HELX_P2 2 ARG B 12 ? ASP B 29 ? ARG C 35 ASP C 52 1 ? 18 
# 
_struct_conf_type.id          HELX_P 
_struct_conf_type.criteria    ? 
_struct_conf_type.reference   ? 
# 
_struct_sheet.id               A 
_struct_sheet.type             ? 
_struct_sheet.number_strands   1 
_struct_sheet.details          ? 
# 
_struct_sheet_range.sheet_id                A 
_struct_sheet_range.id                      1 
_struct_sheet_range.beg_label_comp_id       THR 
_struct_sheet_range.beg_label_asym_id       A 
_struct_sheet_range.beg_label_seq_id        6 
_struct_sheet_range.pdbx_beg_PDB_ins_code   ? 
_struct_sheet_range.end_label_comp_id       GLN 
_struct_sheet_range.end_label_asym_id       A 
_struct_sheet_range.end_label_seq_id        8 
_struct_sheet_range.pdbx_end_PDB_ins_code   ? 
_struct_sheet_range.beg_auth_comp_id        THR 
_struct_sheet_range.beg_auth_asym_id        A 
_struct_sheet_range.beg_auth_seq_id         29 
_struct_sheet_range.end_auth_comp_id        GLN 
_struct_sheet_range.end_auth_asym_id        A 
_struct_sheet_range.end_auth_seq_id         31 
# 
_pdbx_validate_close_contact.id               1 
_pdbx_validate_close_contact.PDB_model_num    1 
_pdbx_validate_close_contact.auth_atom_id_1   HG1 
_pdbx_validate_close_contact.auth_asym_id_1   A 
_pdbx_validate_close_contact.auth_comp_id_1   THR 
_pdbx_validate_close_contact.auth_seq_id_1    29 
_pdbx_validate_close_contact.PDB_ins_code_1   ? 
_pdbx_validate_close_contact.label_alt_id_1   ? 
_pdbx_validate_close_contact.auth_atom_id_2   HG1 
_pdbx_validate_close_contact.auth_asym_id_2   C 
_pdbx_validate_close_contact.auth_comp_id_2   THR 
_pdbx_validate_close_contact.auth_seq_id_2    29 
_pdbx_validate_close_contact.PDB_ins_code_2   ? 
_pdbx_validate_close_contact.label_alt_id_2   ? 
_pdbx_validate_close_contact.dist             1.35 
# 
loop_
_pdbx_validate_torsion.id 
_pdbx_validate_torsion.PDB_model_num 
_pdbx_validate_torsion.auth_comp_id 
_pdbx_validate_torsion.auth_asym_id 
_pdbx_validate_torsion.auth_seq_id 
_pdbx_validate_torsion.PDB_ins_code 
_pdbx_validate_torsion.label_alt_id 
_pdbx_validate_torsion.phi 
_pdbx_validate_torsion.psi 
1 1 TYR A 27 ? ? -73.06  -75.29 
2 1 ILE A 32 ? ? -126.69 -70.56 
3 1 ARG A 33 ? ? 88.84   92.44  
4 1 ALA A 53 ? ? -87.04  -87.30 
5 1 TYR C 27 ? ? -74.66  -75.64 
6 1 ILE C 32 ? ? -128.13 -69.67 
7 1 ARG C 33 ? ? 88.15   94.28  
8 1 ALA C 53 ? ? -85.72  -86.22 
# 
_pdbx_nmr_ensemble.entry_id                             1A1U 
_pdbx_nmr_ensemble.conformers_calculated_total_number   40 
_pdbx_nmr_ensemble.conformers_submitted_total_number    1 
_pdbx_nmr_ensemble.conformer_selection_criteria         'NO VIOLATIONS' 
# 
_pdbx_nmr_exptl_sample_conditions.conditions_id       1 
_pdbx_nmr_exptl_sample_conditions.temperature         313 
_pdbx_nmr_exptl_sample_conditions.pressure            ? 
_pdbx_nmr_exptl_sample_conditions.pH                  7.0 
_pdbx_nmr_exptl_sample_conditions.ionic_strength      ? 
_pdbx_nmr_exptl_sample_conditions.pressure_units      . 
_pdbx_nmr_exptl_sample_conditions.temperature_units   K 
# 
loop_
_pdbx_nmr_exptl.experiment_id 
_pdbx_nmr_exptl.conditions_id 
_pdbx_nmr_exptl.type 
_pdbx_nmr_exptl.solution_id 
1  1 HNCA                       1 
2  1 HNCOCA                     1 
3  1 CBCACONH                   1 
4  1 HNCACB                     1 
5  1 '3D 15N-EDITED TOCSY-HMQC' 1 
6  1 '3D 15N-EDITED NOESY-HMQC' 1 
7  1 HCCH-TOCSY                 1 
8  1 '2D NOESY 2D COSY'         1 
9  1 '2D TOCSY'                 1 
10 1 '3D 13C-EDITED NOESY'      1 
11 1 '3D 13C-EDITED'            1 
12 1 '13C-FILTERED HMQC-NOESY'  1 
13 1 HNHA                       1 
14 1 HMQC-J                     1 
15 1 HNCA-J                     1 
# 
_pdbx_nmr_refine.entry_id           1A1U 
_pdbx_nmr_refine.method             DG-SA 
_pdbx_nmr_refine.details            'DETAILS CAN BE FOUND IN EMBO J., 16, 6230-6236 (1997).' 
_pdbx_nmr_refine.software_ordinal   1 
# 
loop_
_pdbx_nmr_software.classification 
_pdbx_nmr_software.name 
_pdbx_nmr_software.version 
_pdbx_nmr_software.authors 
_pdbx_nmr_software.ordinal 
refinement           X-PLOR ? BRUNGER 1 
'structure solution' X-PLOR ? ?       2 
# 
loop_
_pdbx_unobs_or_zero_occ_residues.id 
_pdbx_unobs_or_zero_occ_residues.PDB_model_num 
_pdbx_unobs_or_zero_occ_residues.polymer_flag 
_pdbx_unobs_or_zero_occ_residues.occupancy_flag 
_pdbx_unobs_or_zero_occ_residues.auth_asym_id 
_pdbx_unobs_or_zero_occ_residues.auth_comp_id 
_pdbx_unobs_or_zero_occ_residues.auth_seq_id 
_pdbx_unobs_or_zero_occ_residues.PDB_ins_code 
_pdbx_unobs_or_zero_occ_residues.label_asym_id 
_pdbx_unobs_or_zero_occ_residues.label_comp_id 
_pdbx_unobs_or_zero_occ_residues.label_seq_id 
1  1 Y 1 A ASP 24 ? A ASP 1  
2  1 Y 1 A GLY 25 ? A GLY 2  
3  1 Y 1 A ALA 55 ? A ALA 32 
4  1 Y 1 A GLY 56 ? A GLY 33 
5  1 Y 1 A LYS 57 ? A LYS 34 
6  1 Y 1 A GLU 58 ? A GLU 35 
7  1 Y 1 C ASP 24 ? B ASP 1  
8  1 Y 1 C GLY 25 ? B GLY 2  
9  1 Y 1 C ALA 55 ? B ALA 32 
10 1 Y 1 C GLY 56 ? B GLY 33 
11 1 Y 1 C LYS 57 ? B LYS 34 
12 1 Y 1 C GLU 58 ? B GLU 35 
# 
loop_
_chem_comp_atom.comp_id 
_chem_comp_atom.atom_id 
_chem_comp_atom.type_symbol 
_chem_comp_atom.pdbx_aromatic_flag 
_chem_comp_atom.pdbx_stereo_config 
_chem_comp_atom.pdbx_ordinal 
ALA N    N N N 1   
ALA CA   C N S 2   
ALA C    C N N 3   
ALA O    O N N 4   
ALA CB   C N N 5   
ALA OXT  O N N 6   
ALA H    H N N 7   
ALA H2   H N N 8   
ALA HA   H N N 9   
ALA HB1  H N N 10  
ALA HB2  H N N 11  
ALA HB3  H N N 12  
ALA HXT  H N N 13  
ARG N    N N N 14  
ARG CA   C N S 15  
ARG C    C N N 16  
ARG O    O N N 17  
ARG CB   C N N 18  
ARG CG   C N N 19  
ARG CD   C N N 20  
ARG NE   N N N 21  
ARG CZ   C N N 22  
ARG NH1  N N N 23  
ARG NH2  N N N 24  
ARG OXT  O N N 25  
ARG H    H N N 26  
ARG H2   H N N 27  
ARG HA   H N N 28  
ARG HB2  H N N 29  
ARG HB3  H N N 30  
ARG HG2  H N N 31  
ARG HG3  H N N 32  
ARG HD2  H N N 33  
ARG HD3  H N N 34  
ARG HE   H N N 35  
ARG HH11 H N N 36  
ARG HH12 H N N 37  
ARG HH21 H N N 38  
ARG HH22 H N N 39  
ARG HXT  H N N 40  
ASN N    N N N 41  
ASN CA   C N S 42  
ASN C    C N N 43  
ASN O    O N N 44  
ASN CB   C N N 45  
ASN CG   C N N 46  
ASN OD1  O N N 47  
ASN ND2  N N N 48  
ASN OXT  O N N 49  
ASN H    H N N 50  
ASN H2   H N N 51  
ASN HA   H N N 52  
ASN HB2  H N N 53  
ASN HB3  H N N 54  
ASN HD21 H N N 55  
ASN HD22 H N N 56  
ASN HXT  H N N 57  
ASP N    N N N 58  
ASP CA   C N S 59  
ASP C    C N N 60  
ASP O    O N N 61  
ASP CB   C N N 62  
ASP CG   C N N 63  
ASP OD1  O N N 64  
ASP OD2  O N N 65  
ASP OXT  O N N 66  
ASP H    H N N 67  
ASP H2   H N N 68  
ASP HA   H N N 69  
ASP HB2  H N N 70  
ASP HB3  H N N 71  
ASP HD2  H N N 72  
ASP HXT  H N N 73  
GLN N    N N N 74  
GLN CA   C N S 75  
GLN C    C N N 76  
GLN O    O N N 77  
GLN CB   C N N 78  
GLN CG   C N N 79  
GLN CD   C N N 80  
GLN OE1  O N N 81  
GLN NE2  N N N 82  
GLN OXT  O N N 83  
GLN H    H N N 84  
GLN H2   H N N 85  
GLN HA   H N N 86  
GLN HB2  H N N 87  
GLN HB3  H N N 88  
GLN HG2  H N N 89  
GLN HG3  H N N 90  
GLN HE21 H N N 91  
GLN HE22 H N N 92  
GLN HXT  H N N 93  
GLU N    N N N 94  
GLU CA   C N S 95  
GLU C    C N N 96  
GLU O    O N N 97  
GLU CB   C N N 98  
GLU CG   C N N 99  
GLU CD   C N N 100 
GLU OE1  O N N 101 
GLU OE2  O N N 102 
GLU OXT  O N N 103 
GLU H    H N N 104 
GLU H2   H N N 105 
GLU HA   H N N 106 
GLU HB2  H N N 107 
GLU HB3  H N N 108 
GLU HG2  H N N 109 
GLU HG3  H N N 110 
GLU HE2  H N N 111 
GLU HXT  H N N 112 
GLY N    N N N 113 
GLY CA   C N N 114 
GLY C    C N N 115 
GLY O    O N N 116 
GLY OXT  O N N 117 
GLY H    H N N 118 
GLY H2   H N N 119 
GLY HA2  H N N 120 
GLY HA3  H N N 121 
GLY HXT  H N N 122 
ILE N    N N N 123 
ILE CA   C N S 124 
ILE C    C N N 125 
ILE O    O N N 126 
ILE CB   C N S 127 
ILE CG1  C N N 128 
ILE CG2  C N N 129 
ILE CD1  C N N 130 
ILE OXT  O N N 131 
ILE H    H N N 132 
ILE H2   H N N 133 
ILE HA   H N N 134 
ILE HB   H N N 135 
ILE HG12 H N N 136 
ILE HG13 H N N 137 
ILE HG21 H N N 138 
ILE HG22 H N N 139 
ILE HG23 H N N 140 
ILE HD11 H N N 141 
ILE HD12 H N N 142 
ILE HD13 H N N 143 
ILE HXT  H N N 144 
LEU N    N N N 145 
LEU CA   C N S 146 
LEU C    C N N 147 
LEU O    O N N 148 
LEU CB   C N N 149 
LEU CG   C N N 150 
LEU CD1  C N N 151 
LEU CD2  C N N 152 
LEU OXT  O N N 153 
LEU H    H N N 154 
LEU H2   H N N 155 
LEU HA   H N N 156 
LEU HB2  H N N 157 
LEU HB3  H N N 158 
LEU HG   H N N 159 
LEU HD11 H N N 160 
LEU HD12 H N N 161 
LEU HD13 H N N 162 
LEU HD21 H N N 163 
LEU HD22 H N N 164 
LEU HD23 H N N 165 
LEU HXT  H N N 166 
LYS N    N N N 167 
LYS CA   C N S 168 
LYS C    C N N 169 
LYS O    O N N 170 
LYS CB   C N N 171 
LYS CG   C N N 172 
LYS CD   C N N 173 
LYS CE   C N N 174 
LYS NZ   N N N 175 
LYS OXT  O N N 176 
LYS H    H N N 177 
LYS H2   H N N 178 
LYS HA   H N N 179 
LYS HB2  H N N 180 
LYS HB3  H N N 181 
LYS HG2  H N N 182 
LYS HG3  H N N 183 
LYS HD2  H N N 184 
LYS HD3  H N N 185 
LYS HE2  H N N 186 
LYS HE3  H N N 187 
LYS HZ1  H N N 188 
LYS HZ2  H N N 189 
LYS HZ3  H N N 190 
LYS HXT  H N N 191 
PHE N    N N N 192 
PHE CA   C N S 193 
PHE C    C N N 194 
PHE O    O N N 195 
PHE CB   C N N 196 
PHE CG   C Y N 197 
PHE CD1  C Y N 198 
PHE CD2  C Y N 199 
PHE CE1  C Y N 200 
PHE CE2  C Y N 201 
PHE CZ   C Y N 202 
PHE OXT  O N N 203 
PHE H    H N N 204 
PHE H2   H N N 205 
PHE HA   H N N 206 
PHE HB2  H N N 207 
PHE HB3  H N N 208 
PHE HD1  H N N 209 
PHE HD2  H N N 210 
PHE HE1  H N N 211 
PHE HE2  H N N 212 
PHE HZ   H N N 213 
PHE HXT  H N N 214 
THR N    N N N 215 
THR CA   C N S 216 
THR C    C N N 217 
THR O    O N N 218 
THR CB   C N R 219 
THR OG1  O N N 220 
THR CG2  C N N 221 
THR OXT  O N N 222 
THR H    H N N 223 
THR H2   H N N 224 
THR HA   H N N 225 
THR HB   H N N 226 
THR HG1  H N N 227 
THR HG21 H N N 228 
THR HG22 H N N 229 
THR HG23 H N N 230 
THR HXT  H N N 231 
TYR N    N N N 232 
TYR CA   C N S 233 
TYR C    C N N 234 
TYR O    O N N 235 
TYR CB   C N N 236 
TYR CG   C Y N 237 
TYR CD1  C Y N 238 
TYR CD2  C Y N 239 
TYR CE1  C Y N 240 
TYR CE2  C Y N 241 
TYR CZ   C Y N 242 
TYR OH   O N N 243 
TYR OXT  O N N 244 
TYR H    H N N 245 
TYR H2   H N N 246 
TYR HA   H N N 247 
TYR HB2  H N N 248 
TYR HB3  H N N 249 
TYR HD1  H N N 250 
TYR HD2  H N N 251 
TYR HE1  H N N 252 
TYR HE2  H N N 253 
TYR HH   H N N 254 
TYR HXT  H N N 255 
# 
loop_
_chem_comp_bond.comp_id 
_chem_comp_bond.atom_id_1 
_chem_comp_bond.atom_id_2 
_chem_comp_bond.value_order 
_chem_comp_bond.pdbx_aromatic_flag 
_chem_comp_bond.pdbx_stereo_config 
_chem_comp_bond.pdbx_ordinal 
ALA N   CA   sing N N 1   
ALA N   H    sing N N 2   
ALA N   H2   sing N N 3   
ALA CA  C    sing N N 4   
ALA CA  CB   sing N N 5   
ALA CA  HA   sing N N 6   
ALA C   O    doub N N 7   
ALA C   OXT  sing N N 8   
ALA CB  HB1  sing N N 9   
ALA CB  HB2  sing N N 10  
ALA CB  HB3  sing N N 11  
ALA OXT HXT  sing N N 12  
ARG N   CA   sing N N 13  
ARG N   H    sing N N 14  
ARG N   H2   sing N N 15  
ARG CA  C    sing N N 16  
ARG CA  CB   sing N N 17  
ARG CA  HA   sing N N 18  
ARG C   O    doub N N 19  
ARG C   OXT  sing N N 20  
ARG CB  CG   sing N N 21  
ARG CB  HB2  sing N N 22  
ARG CB  HB3  sing N N 23  
ARG CG  CD   sing N N 24  
ARG CG  HG2  sing N N 25  
ARG CG  HG3  sing N N 26  
ARG CD  NE   sing N N 27  
ARG CD  HD2  sing N N 28  
ARG CD  HD3  sing N N 29  
ARG NE  CZ   sing N N 30  
ARG NE  HE   sing N N 31  
ARG CZ  NH1  sing N N 32  
ARG CZ  NH2  doub N N 33  
ARG NH1 HH11 sing N N 34  
ARG NH1 HH12 sing N N 35  
ARG NH2 HH21 sing N N 36  
ARG NH2 HH22 sing N N 37  
ARG OXT HXT  sing N N 38  
ASN N   CA   sing N N 39  
ASN N   H    sing N N 40  
ASN N   H2   sing N N 41  
ASN CA  C    sing N N 42  
ASN CA  CB   sing N N 43  
ASN CA  HA   sing N N 44  
ASN C   O    doub N N 45  
ASN C   OXT  sing N N 46  
ASN CB  CG   sing N N 47  
ASN CB  HB2  sing N N 48  
ASN CB  HB3  sing N N 49  
ASN CG  OD1  doub N N 50  
ASN CG  ND2  sing N N 51  
ASN ND2 HD21 sing N N 52  
ASN ND2 HD22 sing N N 53  
ASN OXT HXT  sing N N 54  
ASP N   CA   sing N N 55  
ASP N   H    sing N N 56  
ASP N   H2   sing N N 57  
ASP CA  C    sing N N 58  
ASP CA  CB   sing N N 59  
ASP CA  HA   sing N N 60  
ASP C   O    doub N N 61  
ASP C   OXT  sing N N 62  
ASP CB  CG   sing N N 63  
ASP CB  HB2  sing N N 64  
ASP CB  HB3  sing N N 65  
ASP CG  OD1  doub N N 66  
ASP CG  OD2  sing N N 67  
ASP OD2 HD2  sing N N 68  
ASP OXT HXT  sing N N 69  
GLN N   CA   sing N N 70  
GLN N   H    sing N N 71  
GLN N   H2   sing N N 72  
GLN CA  C    sing N N 73  
GLN CA  CB   sing N N 74  
GLN CA  HA   sing N N 75  
GLN C   O    doub N N 76  
GLN C   OXT  sing N N 77  
GLN CB  CG   sing N N 78  
GLN CB  HB2  sing N N 79  
GLN CB  HB3  sing N N 80  
GLN CG  CD   sing N N 81  
GLN CG  HG2  sing N N 82  
GLN CG  HG3  sing N N 83  
GLN CD  OE1  doub N N 84  
GLN CD  NE2  sing N N 85  
GLN NE2 HE21 sing N N 86  
GLN NE2 HE22 sing N N 87  
GLN OXT HXT  sing N N 88  
GLU N   CA   sing N N 89  
GLU N   H    sing N N 90  
GLU N   H2   sing N N 91  
GLU CA  C    sing N N 92  
GLU CA  CB   sing N N 93  
GLU CA  HA   sing N N 94  
GLU C   O    doub N N 95  
GLU C   OXT  sing N N 96  
GLU CB  CG   sing N N 97  
GLU CB  HB2  sing N N 98  
GLU CB  HB3  sing N N 99  
GLU CG  CD   sing N N 100 
GLU CG  HG2  sing N N 101 
GLU CG  HG3  sing N N 102 
GLU CD  OE1  doub N N 103 
GLU CD  OE2  sing N N 104 
GLU OE2 HE2  sing N N 105 
GLU OXT HXT  sing N N 106 
GLY N   CA   sing N N 107 
GLY N   H    sing N N 108 
GLY N   H2   sing N N 109 
GLY CA  C    sing N N 110 
GLY CA  HA2  sing N N 111 
GLY CA  HA3  sing N N 112 
GLY C   O    doub N N 113 
GLY C   OXT  sing N N 114 
GLY OXT HXT  sing N N 115 
ILE N   CA   sing N N 116 
ILE N   H    sing N N 117 
ILE N   H2   sing N N 118 
ILE CA  C    sing N N 119 
ILE CA  CB   sing N N 120 
ILE CA  HA   sing N N 121 
ILE C   O    doub N N 122 
ILE C   OXT  sing N N 123 
ILE CB  CG1  sing N N 124 
ILE CB  CG2  sing N N 125 
ILE CB  HB   sing N N 126 
ILE CG1 CD1  sing N N 127 
ILE CG1 HG12 sing N N 128 
ILE CG1 HG13 sing N N 129 
ILE CG2 HG21 sing N N 130 
ILE CG2 HG22 sing N N 131 
ILE CG2 HG23 sing N N 132 
ILE CD1 HD11 sing N N 133 
ILE CD1 HD12 sing N N 134 
ILE CD1 HD13 sing N N 135 
ILE OXT HXT  sing N N 136 
LEU N   CA   sing N N 137 
LEU N   H    sing N N 138 
LEU N   H2   sing N N 139 
LEU CA  C    sing N N 140 
LEU CA  CB   sing N N 141 
LEU CA  HA   sing N N 142 
LEU C   O    doub N N 143 
LEU C   OXT  sing N N 144 
LEU CB  CG   sing N N 145 
LEU CB  HB2  sing N N 146 
LEU CB  HB3  sing N N 147 
LEU CG  CD1  sing N N 148 
LEU CG  CD2  sing N N 149 
LEU CG  HG   sing N N 150 
LEU CD1 HD11 sing N N 151 
LEU CD1 HD12 sing N N 152 
LEU CD1 HD13 sing N N 153 
LEU CD2 HD21 sing N N 154 
LEU CD2 HD22 sing N N 155 
LEU CD2 HD23 sing N N 156 
LEU OXT HXT  sing N N 157 
LYS N   CA   sing N N 158 
LYS N   H    sing N N 159 
LYS N   H2   sing N N 160 
LYS CA  C    sing N N 161 
LYS CA  CB   sing N N 162 
LYS CA  HA   sing N N 163 
LYS C   O    doub N N 164 
LYS C   OXT  sing N N 165 
LYS CB  CG   sing N N 166 
LYS CB  HB2  sing N N 167 
LYS CB  HB3  sing N N 168 
LYS CG  CD   sing N N 169 
LYS CG  HG2  sing N N 170 
LYS CG  HG3  sing N N 171 
LYS CD  CE   sing N N 172 
LYS CD  HD2  sing N N 173 
LYS CD  HD3  sing N N 174 
LYS CE  NZ   sing N N 175 
LYS CE  HE2  sing N N 176 
LYS CE  HE3  sing N N 177 
LYS NZ  HZ1  sing N N 178 
LYS NZ  HZ2  sing N N 179 
LYS NZ  HZ3  sing N N 180 
LYS OXT HXT  sing N N 181 
PHE N   CA   sing N N 182 
PHE N   H    sing N N 183 
PHE N   H2   sing N N 184 
PHE CA  C    sing N N 185 
PHE CA  CB   sing N N 186 
PHE CA  HA   sing N N 187 
PHE C   O    doub N N 188 
PHE C   OXT  sing N N 189 
PHE CB  CG   sing N N 190 
PHE CB  HB2  sing N N 191 
PHE CB  HB3  sing N N 192 
PHE CG  CD1  doub Y N 193 
PHE CG  CD2  sing Y N 194 
PHE CD1 CE1  sing Y N 195 
PHE CD1 HD1  sing N N 196 
PHE CD2 CE2  doub Y N 197 
PHE CD2 HD2  sing N N 198 
PHE CE1 CZ   doub Y N 199 
PHE CE1 HE1  sing N N 200 
PHE CE2 CZ   sing Y N 201 
PHE CE2 HE2  sing N N 202 
PHE CZ  HZ   sing N N 203 
PHE OXT HXT  sing N N 204 
THR N   CA   sing N N 205 
THR N   H    sing N N 206 
THR N   H2   sing N N 207 
THR CA  C    sing N N 208 
THR CA  CB   sing N N 209 
THR CA  HA   sing N N 210 
THR C   O    doub N N 211 
THR C   OXT  sing N N 212 
THR CB  OG1  sing N N 213 
THR CB  CG2  sing N N 214 
THR CB  HB   sing N N 215 
THR OG1 HG1  sing N N 216 
THR CG2 HG21 sing N N 217 
THR CG2 HG22 sing N N 218 
THR CG2 HG23 sing N N 219 
THR OXT HXT  sing N N 220 
TYR N   CA   sing N N 221 
TYR N   H    sing N N 222 
TYR N   H2   sing N N 223 
TYR CA  C    sing N N 224 
TYR CA  CB   sing N N 225 
TYR CA  HA   sing N N 226 
TYR C   O    doub N N 227 
TYR C   OXT  sing N N 228 
TYR CB  CG   sing N N 229 
TYR CB  HB2  sing N N 230 
TYR CB  HB3  sing N N 231 
TYR CG  CD1  doub Y N 232 
TYR CG  CD2  sing Y N 233 
TYR CD1 CE1  sing Y N 234 
TYR CD1 HD1  sing N N 235 
TYR CD2 CE2  doub Y N 236 
TYR CD2 HD2  sing N N 237 
TYR CE1 CZ   doub Y N 238 
TYR CE1 HE1  sing N N 239 
TYR CE2 CZ   sing Y N 240 
TYR CE2 HE2  sing N N 241 
TYR CZ  OH   sing N N 242 
TYR OH  HH   sing N N 243 
TYR OXT HXT  sing N N 244 
# 
loop_
_pdbx_nmr_spectrometer.spectrometer_id 
_pdbx_nmr_spectrometer.model 
_pdbx_nmr_spectrometer.manufacturer 
_pdbx_nmr_spectrometer.field_strength 
1 DMX600 Bruker 600 
2 DMX750 Bruker 750 
# 
_atom_sites.entry_id                    1A1U 
_atom_sites.fract_transf_matrix[1][1]   1.000000 
_atom_sites.fract_transf_matrix[1][2]   0.000000 
_atom_sites.fract_transf_matrix[1][3]   0.000000 
_atom_sites.fract_transf_matrix[2][1]   0.000000 
_atom_sites.fract_transf_matrix[2][2]   1.000000 
_atom_sites.fract_transf_matrix[2][3]   0.000000 
_atom_sites.fract_transf_matrix[3][1]   0.000000 
_atom_sites.fract_transf_matrix[3][2]   0.000000 
_atom_sites.fract_transf_matrix[3][3]   1.000000 
_atom_sites.fract_transf_vector[1]      0.00000 
_atom_sites.fract_transf_vector[2]      0.00000 
_atom_sites.fract_transf_vector[3]      0.00000 
# 
loop_
_atom_type.symbol 
C 
H 
N 
O 
# 
loop_
_atom_site.group_PDB 
_atom_site.id 
_atom_site.type_symbol 
_atom_site.label_atom_id 
_atom_site.label_alt_id 
_atom_site.label_comp_id 
_atom_site.label_asym_id 
_atom_site.label_entity_id 
_atom_site.label_seq_id 
_atom_site.pdbx_PDB_ins_code 
_atom_site.Cartn_x 
_atom_site.Cartn_y 
_atom_site.Cartn_z 
_atom_site.occupancy 
_atom_site.B_iso_or_equiv 
_atom_site.pdbx_formal_charge 
_atom_site.auth_seq_id 
_atom_site.auth_comp_id 
_atom_site.auth_asym_id 
_atom_site.auth_atom_id 
_atom_site.pdbx_PDB_model_num 
ATOM 1    N N    . GLU A 1 3  ? 9.386   9.175   -13.468 1.00 0.00 ? 26 GLU A N    1 
ATOM 2    C CA   . GLU A 1 3  ? 8.816   8.364   -12.426 1.00 0.00 ? 26 GLU A CA   1 
ATOM 3    C C    . GLU A 1 3  ? 7.701   7.523   -13.018 1.00 0.00 ? 26 GLU A C    1 
ATOM 4    O O    . GLU A 1 3  ? 6.870   7.937   -13.818 1.00 0.00 ? 26 GLU A O    1 
ATOM 5    C CB   . GLU A 1 3  ? 8.257   9.253   -11.334 1.00 0.00 ? 26 GLU A CB   1 
ATOM 6    C CG   . GLU A 1 3  ? 9.346   10.102  -10.676 1.00 0.00 ? 26 GLU A CG   1 
ATOM 7    C CD   . GLU A 1 3  ? 8.607   11.047  -9.741  1.00 0.00 ? 26 GLU A CD   1 
ATOM 8    O OE1  . GLU A 1 3  ? 8.107   12.072  -10.206 1.00 0.00 ? 26 GLU A OE1  1 
ATOM 9    O OE2  . GLU A 1 3  ? 8.492   10.707  -8.570  1.00 0.00 ? 26 GLU A OE2  1 
ATOM 10   H H    . GLU A 1 3  ? 9.058   10.117  -13.558 1.00 0.00 ? 26 GLU A H    1 
ATOM 11   H HA   . GLU A 1 3  ? 9.606   7.730   -12.018 1.00 0.00 ? 26 GLU A HA   1 
ATOM 12   H HB2  . GLU A 1 3  ? 7.493   9.904   -11.764 1.00 0.00 ? 26 GLU A HB2  1 
ATOM 13   H HB3  . GLU A 1 3  ? 7.764   8.653   -10.568 1.00 0.00 ? 26 GLU A HB3  1 
ATOM 14   H HG2  . GLU A 1 3  ? 10.049  9.489   -10.108 1.00 0.00 ? 26 GLU A HG2  1 
ATOM 15   H HG3  . GLU A 1 3  ? 9.923   10.682  -11.395 1.00 0.00 ? 26 GLU A HG3  1 
ATOM 16   N N    . TYR A 1 4  ? 7.755   6.272   -12.570 1.00 0.00 ? 27 TYR A N    1 
ATOM 17   C CA   . TYR A 1 4  ? 6.741   5.342   -12.988 1.00 0.00 ? 27 TYR A CA   1 
ATOM 18   C C    . TYR A 1 4  ? 5.442   5.695   -12.264 1.00 0.00 ? 27 TYR A C    1 
ATOM 19   O O    . TYR A 1 4  ? 4.477   6.170   -12.842 1.00 0.00 ? 27 TYR A O    1 
ATOM 20   C CB   . TYR A 1 4  ? 7.255   3.915   -12.725 1.00 0.00 ? 27 TYR A CB   1 
ATOM 21   C CG   . TYR A 1 4  ? 8.530   3.715   -13.490 1.00 0.00 ? 27 TYR A CG   1 
ATOM 22   C CD1  . TYR A 1 4  ? 8.486   3.353   -14.832 1.00 0.00 ? 27 TYR A CD1  1 
ATOM 23   C CD2  . TYR A 1 4  ? 9.762   3.952   -12.891 1.00 0.00 ? 27 TYR A CD2  1 
ATOM 24   C CE1  . TYR A 1 4  ? 9.658   3.256   -15.563 1.00 0.00 ? 27 TYR A CE1  1 
ATOM 25   C CE2  . TYR A 1 4  ? 10.936  3.856   -13.623 1.00 0.00 ? 27 TYR A CE2  1 
ATOM 26   C CZ   . TYR A 1 4  ? 10.881  3.505   -14.963 1.00 0.00 ? 27 TYR A CZ   1 
ATOM 27   O OH   . TYR A 1 4  ? 12.035  3.346   -15.700 1.00 0.00 ? 27 TYR A OH   1 
ATOM 28   H H    . TYR A 1 4  ? 8.502   6.110   -11.929 1.00 0.00 ? 27 TYR A H    1 
ATOM 29   H HA   . TYR A 1 4  ? 6.571   5.483   -14.059 1.00 0.00 ? 27 TYR A HA   1 
ATOM 30   H HB2  . TYR A 1 4  ? 7.423   3.747   -11.663 1.00 0.00 ? 27 TYR A HB2  1 
ATOM 31   H HB3  . TYR A 1 4  ? 6.534   3.180   -13.064 1.00 0.00 ? 27 TYR A HB3  1 
ATOM 32   H HD1  . TYR A 1 4  ? 7.536   3.179   -15.320 1.00 0.00 ? 27 TYR A HD1  1 
ATOM 33   H HD2  . TYR A 1 4  ? 9.804   4.254   -11.852 1.00 0.00 ? 27 TYR A HD2  1 
ATOM 34   H HE1  . TYR A 1 4  ? 9.608   2.996   -16.609 1.00 0.00 ? 27 TYR A HE1  1 
ATOM 35   H HE2  . TYR A 1 4  ? 11.878  4.087   -13.140 1.00 0.00 ? 27 TYR A HE2  1 
ATOM 36   H HH   . TYR A 1 4  ? 12.379  4.235   -15.875 1.00 0.00 ? 27 TYR A HH   1 
ATOM 37   N N    . PHE A 1 5  ? 5.437   5.323   -10.966 1.00 0.00 ? 28 PHE A N    1 
ATOM 38   C CA   . PHE A 1 5  ? 4.231   5.425   -10.142 1.00 0.00 ? 28 PHE A CA   1 
ATOM 39   C C    . PHE A 1 5  ? 4.681   5.260   -8.702  1.00 0.00 ? 28 PHE A C    1 
ATOM 40   O O    . PHE A 1 5  ? 5.692   4.617   -8.441  1.00 0.00 ? 28 PHE A O    1 
ATOM 41   C CB   . PHE A 1 5  ? 3.189   4.304   -10.377 1.00 0.00 ? 28 PHE A CB   1 
ATOM 42   C CG   . PHE A 1 5  ? 3.037   3.938   -11.820 1.00 0.00 ? 28 PHE A CG   1 
ATOM 43   C CD1  . PHE A 1 5  ? 3.963   3.082   -12.402 1.00 0.00 ? 28 PHE A CD1  1 
ATOM 44   C CD2  . PHE A 1 5  ? 2.042   4.509   -12.603 1.00 0.00 ? 28 PHE A CD2  1 
ATOM 45   C CE1  . PHE A 1 5  ? 3.955   2.886   -13.771 1.00 0.00 ? 28 PHE A CE1  1 
ATOM 46   C CE2  . PHE A 1 5  ? 2.022   4.287   -13.972 1.00 0.00 ? 28 PHE A CE2  1 
ATOM 47   C CZ   . PHE A 1 5  ? 2.994   3.494   -14.556 1.00 0.00 ? 28 PHE A CZ   1 
ATOM 48   H H    . PHE A 1 5  ? 6.275   5.049   -10.495 1.00 0.00 ? 28 PHE A H    1 
ATOM 49   H HA   . PHE A 1 5  ? 3.813   6.421   -10.297 1.00 0.00 ? 28 PHE A HA   1 
ATOM 50   H HB2  . PHE A 1 5  ? 3.435   3.394   -9.834  1.00 0.00 ? 28 PHE A HB2  1 
ATOM 51   H HB3  . PHE A 1 5  ? 2.238   4.660   -9.987  1.00 0.00 ? 28 PHE A HB3  1 
ATOM 52   H HD1  . PHE A 1 5  ? 4.715   2.609   -11.786 1.00 0.00 ? 28 PHE A HD1  1 
ATOM 53   H HD2  . PHE A 1 5  ? 1.297   5.151   -12.158 1.00 0.00 ? 28 PHE A HD2  1 
ATOM 54   H HE1  . PHE A 1 5  ? 4.703   2.281   -14.251 1.00 0.00 ? 28 PHE A HE1  1 
ATOM 55   H HE2  . PHE A 1 5  ? 1.265   4.749   -14.591 1.00 0.00 ? 28 PHE A HE2  1 
ATOM 56   H HZ   . PHE A 1 5  ? 3.006   3.350   -15.629 1.00 0.00 ? 28 PHE A HZ   1 
ATOM 57   N N    . THR A 1 6  ? 3.894   5.824   -7.783  1.00 0.00 ? 29 THR A N    1 
ATOM 58   C CA   . THR A 1 6  ? 4.230   5.703   -6.377  1.00 0.00 ? 29 THR A CA   1 
ATOM 59   C C    . THR A 1 6  ? 2.985   6.137   -5.564  1.00 0.00 ? 29 THR A C    1 
ATOM 60   O O    . THR A 1 6  ? 2.241   7.014   -5.991  1.00 0.00 ? 29 THR A O    1 
ATOM 61   C CB   . THR A 1 6  ? 5.525   6.504   -6.090  1.00 0.00 ? 29 THR A CB   1 
ATOM 62   O OG1  . THR A 1 6  ? 6.176   5.928   -4.979  1.00 0.00 ? 29 THR A OG1  1 
ATOM 63   C CG2  . THR A 1 6  ? 5.341   8.032   -6.098  1.00 0.00 ? 29 THR A CG2  1 
ATOM 64   H H    . THR A 1 6  ? 3.070   6.359   -7.986  1.00 0.00 ? 29 THR A H    1 
ATOM 65   H HA   . THR A 1 6  ? 4.405   4.642   -6.194  1.00 0.00 ? 29 THR A HA   1 
ATOM 66   H HB   . THR A 1 6  ? 6.248   6.348   -6.889  1.00 0.00 ? 29 THR A HB   1 
ATOM 67   H HG1  . THR A 1 6  ? 5.711   6.165   -4.200  1.00 0.00 ? 29 THR A HG1  1 
ATOM 68   H HG21 . THR A 1 6  ? 4.556   8.402   -5.440  1.00 0.00 ? 29 THR A HG21 1 
ATOM 69   H HG22 . THR A 1 6  ? 6.268   8.544   -5.843  1.00 0.00 ? 29 THR A HG22 1 
ATOM 70   H HG23 . THR A 1 6  ? 5.076   8.373   -7.100  1.00 0.00 ? 29 THR A HG23 1 
ATOM 71   N N    . LEU A 1 7  ? 2.775   5.452   -4.419  1.00 0.00 ? 30 LEU A N    1 
ATOM 72   C CA   . LEU A 1 7  ? 1.713   5.870   -3.506  1.00 0.00 ? 30 LEU A CA   1 
ATOM 73   C C    . LEU A 1 7  ? 2.363   6.759   -2.453  1.00 0.00 ? 30 LEU A C    1 
ATOM 74   O O    . LEU A 1 7  ? 2.998   6.285   -1.514  1.00 0.00 ? 30 LEU A O    1 
ATOM 75   C CB   . LEU A 1 7  ? 1.025   4.682   -2.807  1.00 0.00 ? 30 LEU A CB   1 
ATOM 76   C CG   . LEU A 1 7  ? -0.096  4.052   -3.654  1.00 0.00 ? 30 LEU A CG   1 
ATOM 77   C CD1  . LEU A 1 7  ? 0.202   2.585   -3.922  1.00 0.00 ? 30 LEU A CD1  1 
ATOM 78   C CD2  . LEU A 1 7  ? -1.480  4.181   -3.008  1.00 0.00 ? 30 LEU A CD2  1 
ATOM 79   H H    . LEU A 1 7  ? 3.446   4.776   -4.112  1.00 0.00 ? 30 LEU A H    1 
ATOM 80   H HA   . LEU A 1 7  ? 0.969   6.454   -4.051  1.00 0.00 ? 30 LEU A HA   1 
ATOM 81   H HB2  . LEU A 1 7  ? 1.779   3.950   -2.518  1.00 0.00 ? 30 LEU A HB2  1 
ATOM 82   H HB3  . LEU A 1 7  ? 0.589   5.019   -1.866  1.00 0.00 ? 30 LEU A HB3  1 
ATOM 83   H HG   . LEU A 1 7  ? -0.154  4.577   -4.607  1.00 0.00 ? 30 LEU A HG   1 
ATOM 84   H HD11 . LEU A 1 7  ? 1.212   2.459   -4.317  1.00 0.00 ? 30 LEU A HD11 1 
ATOM 85   H HD12 . LEU A 1 7  ? 0.095   1.994   -3.010  1.00 0.00 ? 30 LEU A HD12 1 
ATOM 86   H HD13 . LEU A 1 7  ? -0.491  2.183   -4.664  1.00 0.00 ? 30 LEU A HD13 1 
ATOM 87   H HD21 . LEU A 1 7  ? -1.746  5.226   -2.856  1.00 0.00 ? 30 LEU A HD21 1 
ATOM 88   H HD22 . LEU A 1 7  ? -2.249  3.726   -3.638  1.00 0.00 ? 30 LEU A HD22 1 
ATOM 89   H HD23 . LEU A 1 7  ? -1.512  3.674   -2.042  1.00 0.00 ? 30 LEU A HD23 1 
ATOM 90   N N    . GLN A 1 8  ? 2.146   8.060   -2.677  1.00 0.00 ? 31 GLN A N    1 
ATOM 91   C CA   . GLN A 1 8  ? 2.642   9.068   -1.761  1.00 0.00 ? 31 GLN A CA   1 
ATOM 92   C C    . GLN A 1 8  ? 1.837   9.023   -0.457  1.00 0.00 ? 31 GLN A C    1 
ATOM 93   O O    . GLN A 1 8  ? 0.738   8.477   -0.371  1.00 0.00 ? 31 GLN A O    1 
ATOM 94   C CB   . GLN A 1 8  ? 2.617   10.441  -2.451  1.00 0.00 ? 31 GLN A CB   1 
ATOM 95   C CG   . GLN A 1 8  ? 3.658   11.409  -1.851  1.00 0.00 ? 31 GLN A CG   1 
ATOM 96   C CD   . GLN A 1 8  ? 4.447   12.265  -2.846  1.00 0.00 ? 31 GLN A CD   1 
ATOM 97   O OE1  . GLN A 1 8  ? 5.498   12.764  -2.490  1.00 0.00 ? 31 GLN A OE1  1 
ATOM 98   N NE2  . GLN A 1 8  ? 3.887   12.430  -4.052  1.00 0.00 ? 31 GLN A NE2  1 
ATOM 99   H H    . GLN A 1 8  ? 1.702   8.288   -3.544  1.00 0.00 ? 31 GLN A H    1 
ATOM 100  H HA   . GLN A 1 8  ? 3.669   8.792   -1.526  1.00 0.00 ? 31 GLN A HA   1 
ATOM 101  H HB2  . GLN A 1 8  ? 2.818   10.266  -3.509  1.00 0.00 ? 31 GLN A HB2  1 
ATOM 102  H HB3  . GLN A 1 8  ? 1.619   10.879  -2.403  1.00 0.00 ? 31 GLN A HB3  1 
ATOM 103  H HG2  . GLN A 1 8  ? 3.200   12.088  -1.134  1.00 0.00 ? 31 GLN A HG2  1 
ATOM 104  H HG3  . GLN A 1 8  ? 4.420   10.854  -1.307  1.00 0.00 ? 31 GLN A HG3  1 
ATOM 105  H HE21 . GLN A 1 8  ? 3.020   12.068  -4.384  1.00 0.00 ? 31 GLN A HE21 1 
ATOM 106  H HE22 . GLN A 1 8  ? 4.464   12.946  -4.696  1.00 0.00 ? 31 GLN A HE22 1 
ATOM 107  N N    . ILE A 1 9  ? 2.479   9.617   0.561   1.00 0.00 ? 32 ILE A N    1 
ATOM 108  C CA   . ILE A 1 9  ? 1.949   9.557   1.910   1.00 0.00 ? 32 ILE A CA   1 
ATOM 109  C C    . ILE A 1 9  ? 1.818   10.969  2.518   1.00 0.00 ? 32 ILE A C    1 
ATOM 110  O O    . ILE A 1 9  ? 0.705   11.488  2.669   1.00 0.00 ? 32 ILE A O    1 
ATOM 111  C CB   . ILE A 1 9  ? 2.752   8.558   2.766   1.00 0.00 ? 32 ILE A CB   1 
ATOM 112  C CG1  . ILE A 1 9  ? 3.738   7.633   2.004   1.00 0.00 ? 32 ILE A CG1  1 
ATOM 113  C CG2  . ILE A 1 9  ? 1.756   7.733   3.557   1.00 0.00 ? 32 ILE A CG2  1 
ATOM 114  C CD1  . ILE A 1 9  ? 3.166   6.356   1.382   1.00 0.00 ? 32 ILE A CD1  1 
ATOM 115  H H    . ILE A 1 9  ? 3.392   9.982   0.355   1.00 0.00 ? 32 ILE A H    1 
ATOM 116  H HA   . ILE A 1 9  ? 0.921   9.200   1.829   1.00 0.00 ? 32 ILE A HA   1 
ATOM 117  H HB   . ILE A 1 9  ? 3.374   9.105   3.477   1.00 0.00 ? 32 ILE A HB   1 
ATOM 118  H HG12 . ILE A 1 9  ? 4.277   8.169   1.235   1.00 0.00 ? 32 ILE A HG12 1 
ATOM 119  H HG13 . ILE A 1 9  ? 4.515   7.334   2.697   1.00 0.00 ? 32 ILE A HG13 1 
ATOM 120  H HG21 . ILE A 1 9  ? 1.070   8.331   4.147   1.00 0.00 ? 32 ILE A HG21 1 
ATOM 121  H HG22 . ILE A 1 9  ? 1.136   7.139   2.892   1.00 0.00 ? 32 ILE A HG22 1 
ATOM 122  H HG23 . ILE A 1 9  ? 2.299   7.070   4.208   1.00 0.00 ? 32 ILE A HG23 1 
ATOM 123  H HD11 . ILE A 1 9  ? 2.213   6.517   0.881   1.00 0.00 ? 32 ILE A HD11 1 
ATOM 124  H HD12 . ILE A 1 9  ? 3.870   5.937   0.663   1.00 0.00 ? 32 ILE A HD12 1 
ATOM 125  H HD13 . ILE A 1 9  ? 3.045   5.577   2.130   1.00 0.00 ? 32 ILE A HD13 1 
ATOM 126  N N    . ARG A 1 10 ? 3.006   11.553  2.810   1.00 0.00 ? 33 ARG A N    1 
ATOM 127  C CA   . ARG A 1 10 ? 3.158   12.917  3.320   1.00 0.00 ? 33 ARG A CA   1 
ATOM 128  C C    . ARG A 1 10 ? 3.102   12.975  4.872   1.00 0.00 ? 33 ARG A C    1 
ATOM 129  O O    . ARG A 1 10 ? 2.037   13.170  5.445   1.00 0.00 ? 33 ARG A O    1 
ATOM 130  C CB   . ARG A 1 10 ? 2.103   13.849  2.660   1.00 0.00 ? 33 ARG A CB   1 
ATOM 131  C CG   . ARG A 1 10 ? 2.622   15.163  2.084   1.00 0.00 ? 33 ARG A CG   1 
ATOM 132  C CD   . ARG A 1 10 ? 1.530   15.893  1.276   1.00 0.00 ? 33 ARG A CD   1 
ATOM 133  N NE   . ARG A 1 10 ? 1.117   15.035  0.164   1.00 0.00 ? 33 ARG A NE   1 
ATOM 134  C CZ   . ARG A 1 10 ? 0.006   15.145  -0.597  1.00 0.00 ? 33 ARG A CZ   1 
ATOM 135  N NH1  . ARG A 1 10 ? -0.858  16.141  -0.359  1.00 0.00 ? 33 ARG A NH1  1 
ATOM 136  N NH2  . ARG A 1 10 ? -0.215  14.257  -1.559  1.00 0.00 ? 33 ARG A NH2  1 
ATOM 137  H H    . ARG A 1 10 ? 3.824   10.999  2.656   1.00 0.00 ? 33 ARG A H    1 
ATOM 138  H HA   . ARG A 1 10 ? 4.154   13.212  3.008   1.00 0.00 ? 33 ARG A HA   1 
ATOM 139  H HB2  . ARG A 1 10 ? 1.688   13.336  1.800   1.00 0.00 ? 33 ARG A HB2  1 
ATOM 140  H HB3  . ARG A 1 10 ? 1.262   14.026  3.330   1.00 0.00 ? 33 ARG A HB3  1 
ATOM 141  H HG2  . ARG A 1 10 ? 3.029   15.778  2.884   1.00 0.00 ? 33 ARG A HG2  1 
ATOM 142  H HG3  . ARG A 1 10 ? 3.453   14.938  1.416   1.00 0.00 ? 33 ARG A HG3  1 
ATOM 143  H HD2  . ARG A 1 10 ? 0.661   16.109  1.898   1.00 0.00 ? 33 ARG A HD2  1 
ATOM 144  H HD3  . ARG A 1 10 ? 1.918   16.815  0.837   1.00 0.00 ? 33 ARG A HD3  1 
ATOM 145  H HE   . ARG A 1 10 ? 1.780   14.309  -0.065  1.00 0.00 ? 33 ARG A HE   1 
ATOM 146  H HH11 . ARG A 1 10 ? -0.603  16.845  0.307   1.00 0.00 ? 33 ARG A HH11 1 
ATOM 147  H HH12 . ARG A 1 10 ? -1.741  16.224  -0.834  1.00 0.00 ? 33 ARG A HH12 1 
ATOM 148  H HH21 . ARG A 1 10 ? 0.388   13.464  -1.687  1.00 0.00 ? 33 ARG A HH21 1 
ATOM 149  H HH22 . ARG A 1 10 ? -0.964  14.332  -2.211  1.00 0.00 ? 33 ARG A HH22 1 
ATOM 150  N N    . GLY A 1 11 ? 4.281   12.897  5.521   1.00 0.00 ? 34 GLY A N    1 
ATOM 151  C CA   . GLY A 1 11 ? 4.398   12.963  6.988   1.00 0.00 ? 34 GLY A CA   1 
ATOM 152  C C    . GLY A 1 11 ? 5.048   11.664  7.472   1.00 0.00 ? 34 GLY A C    1 
ATOM 153  O O    . GLY A 1 11 ? 4.819   10.630  6.862   1.00 0.00 ? 34 GLY A O    1 
ATOM 154  H H    . GLY A 1 11 ? 5.106   12.709  4.984   1.00 0.00 ? 34 GLY A H    1 
ATOM 155  H HA2  . GLY A 1 11 ? 5.027   13.821  7.228   1.00 0.00 ? 34 GLY A HA2  1 
ATOM 156  H HA3  . GLY A 1 11 ? 3.415   13.086  7.447   1.00 0.00 ? 34 GLY A HA3  1 
ATOM 157  N N    . ARG A 1 12 ? 5.893   11.755  8.501   1.00 0.00 ? 35 ARG A N    1 
ATOM 158  C CA   . ARG A 1 12 ? 6.680   10.578  8.887   1.00 0.00 ? 35 ARG A CA   1 
ATOM 159  C C    . ARG A 1 12 ? 5.764   9.419   9.302   1.00 0.00 ? 35 ARG A C    1 
ATOM 160  O O    . ARG A 1 12 ? 5.663   8.386   8.638   1.00 0.00 ? 35 ARG A O    1 
ATOM 161  C CB   . ARG A 1 12 ? 7.725   11.013  9.925   1.00 0.00 ? 35 ARG A CB   1 
ATOM 162  C CG   . ARG A 1 12 ? 9.067   10.274  9.789   1.00 0.00 ? 35 ARG A CG   1 
ATOM 163  C CD   . ARG A 1 12 ? 9.245   9.181   10.845  1.00 0.00 ? 35 ARG A CD   1 
ATOM 164  N NE   . ARG A 1 12 ? 10.603  9.245   11.379  1.00 0.00 ? 35 ARG A NE   1 
ATOM 165  C CZ   . ARG A 1 12 ? 10.909  8.639   12.550  1.00 0.00 ? 35 ARG A CZ   1 
ATOM 166  N NH1  . ARG A 1 12 ? 9.968   7.949   13.204  1.00 0.00 ? 35 ARG A NH1  1 
ATOM 167  N NH2  . ARG A 1 12 ? 12.149  8.739   13.032  1.00 0.00 ? 35 ARG A NH2  1 
ATOM 168  H H    . ARG A 1 12 ? 6.044   12.595  9.013   1.00 0.00 ? 35 ARG A H    1 
ATOM 169  H HA   . ARG A 1 12 ? 7.174   10.232  7.988   1.00 0.00 ? 35 ARG A HA   1 
ATOM 170  H HB2  . ARG A 1 12 ? 7.943   12.070  9.774   1.00 0.00 ? 35 ARG A HB2  1 
ATOM 171  H HB3  . ARG A 1 12 ? 7.331   10.964  10.942  1.00 0.00 ? 35 ARG A HB3  1 
ATOM 172  H HG2  . ARG A 1 12 ? 9.194   9.853   8.790   1.00 0.00 ? 35 ARG A HG2  1 
ATOM 173  H HG3  . ARG A 1 12 ? 9.863   11.012  9.892   1.00 0.00 ? 35 ARG A HG3  1 
ATOM 174  H HD2  . ARG A 1 12 ? 8.549   9.333   11.673  1.00 0.00 ? 35 ARG A HD2  1 
ATOM 175  H HD3  . ARG A 1 12 ? 9.085   8.180   10.436  1.00 0.00 ? 35 ARG A HD3  1 
ATOM 176  H HE   . ARG A 1 12 ? 11.273  9.787   10.866  1.00 0.00 ? 35 ARG A HE   1 
ATOM 177  H HH11 . ARG A 1 12 ? 9.035   7.873   12.834  1.00 0.00 ? 35 ARG A HH11 1 
ATOM 178  H HH12 . ARG A 1 12 ? 10.123  7.496   14.084  1.00 0.00 ? 35 ARG A HH12 1 
ATOM 179  H HH21 . ARG A 1 12 ? 12.848  9.294   12.578  1.00 0.00 ? 35 ARG A HH21 1 
ATOM 180  H HH22 . ARG A 1 12 ? 12.403  8.252   13.869  1.00 0.00 ? 35 ARG A HH22 1 
ATOM 181  N N    . GLU A 1 13 ? 4.995   9.746   10.351  1.00 0.00 ? 36 GLU A N    1 
ATOM 182  C CA   . GLU A 1 13 ? 3.901   8.900   10.820  1.00 0.00 ? 36 GLU A CA   1 
ATOM 183  C C    . GLU A 1 13 ? 3.009   8.406   9.683   1.00 0.00 ? 36 GLU A C    1 
ATOM 184  O O    . GLU A 1 13 ? 2.424   7.338   9.704   1.00 0.00 ? 36 GLU A O    1 
ATOM 185  C CB   . GLU A 1 13 ? 3.024   9.753   11.737  1.00 0.00 ? 36 GLU A CB   1 
ATOM 186  C CG   . GLU A 1 13 ? 2.679   9.032   13.043  1.00 0.00 ? 36 GLU A CG   1 
ATOM 187  C CD   . GLU A 1 13 ? 2.965   10.039  14.134  1.00 0.00 ? 36 GLU A CD   1 
ATOM 188  O OE1  . GLU A 1 13 ? 4.136   10.215  14.447  1.00 0.00 ? 36 GLU A OE1  1 
ATOM 189  O OE2  . GLU A 1 13 ? 2.028   10.699  14.564  1.00 0.00 ? 36 GLU A OE2  1 
ATOM 190  H H    . GLU A 1 13 ? 5.194   10.550  10.913  1.00 0.00 ? 36 GLU A H    1 
ATOM 191  H HA   . GLU A 1 13 ? 4.364   8.055   11.333  1.00 0.00 ? 36 GLU A HA   1 
ATOM 192  H HB2  . GLU A 1 13 ? 3.557   10.687  11.934  1.00 0.00 ? 36 GLU A HB2  1 
ATOM 193  H HB3  . GLU A 1 13 ? 2.095   10.099  11.280  1.00 0.00 ? 36 GLU A HB3  1 
ATOM 194  H HG2  . GLU A 1 13 ? 1.635   8.718   13.081  1.00 0.00 ? 36 GLU A HG2  1 
ATOM 195  H HG3  . GLU A 1 13 ? 3.284   8.139   13.218  1.00 0.00 ? 36 GLU A HG3  1 
ATOM 196  N N    . ARG A 1 14 ? 2.907   9.263   8.652   1.00 0.00 ? 37 ARG A N    1 
ATOM 197  C CA   . ARG A 1 14 ? 2.094   8.855   7.533   1.00 0.00 ? 37 ARG A CA   1 
ATOM 198  C C    . ARG A 1 14 ? 2.678   7.632   6.835   1.00 0.00 ? 37 ARG A C    1 
ATOM 199  O O    . ARG A 1 14 ? 1.916   6.744   6.502   1.00 0.00 ? 37 ARG A O    1 
ATOM 200  C CB   . ARG A 1 14 ? 1.838   10.002  6.556   1.00 0.00 ? 37 ARG A CB   1 
ATOM 201  C CG   . ARG A 1 14 ? 0.595   10.808  6.924   1.00 0.00 ? 37 ARG A CG   1 
ATOM 202  C CD   . ARG A 1 14 ? -0.226  11.138  5.681   1.00 0.00 ? 37 ARG A CD   1 
ATOM 203  N NE   . ARG A 1 14 ? -1.610  10.753  5.902   1.00 0.00 ? 37 ARG A NE   1 
ATOM 204  C CZ   . ARG A 1 14 ? -2.556  11.105  5.017   1.00 0.00 ? 37 ARG A CZ   1 
ATOM 205  N NH1  . ARG A 1 14 ? -2.164  11.748  3.909   1.00 0.00 ? 37 ARG A NH1  1 
ATOM 206  N NH2  . ARG A 1 14 ? -3.835  10.813  5.258   1.00 0.00 ? 37 ARG A NH2  1 
ATOM 207  H H    . ARG A 1 14 ? 3.455   10.095  8.685   1.00 0.00 ? 37 ARG A H    1 
ATOM 208  H HA   . ARG A 1 14 ? 1.141   8.515   7.947   1.00 0.00 ? 37 ARG A HA   1 
ATOM 209  H HB2  . ARG A 1 14 ? 2.668   10.682  6.473   1.00 0.00 ? 37 ARG A HB2  1 
ATOM 210  H HB3  . ARG A 1 14 ? 1.749   9.598   5.554   1.00 0.00 ? 37 ARG A HB3  1 
ATOM 211  H HG2  . ARG A 1 14 ? -0.017  10.259  7.638   1.00 0.00 ? 37 ARG A HG2  1 
ATOM 212  H HG3  . ARG A 1 14 ? 0.892   11.720  7.439   1.00 0.00 ? 37 ARG A HG3  1 
ATOM 213  H HD2  . ARG A 1 14 ? -0.177  12.203  5.461   1.00 0.00 ? 37 ARG A HD2  1 
ATOM 214  H HD3  . ARG A 1 14 ? 0.104   10.582  4.804   1.00 0.00 ? 37 ARG A HD3  1 
ATOM 215  H HE   . ARG A 1 14 ? -1.791  10.222  6.736   1.00 0.00 ? 37 ARG A HE   1 
ATOM 216  H HH11 . ARG A 1 14 ? -1.162  11.809  3.745   1.00 0.00 ? 37 ARG A HH11 1 
ATOM 217  H HH12 . ARG A 1 14 ? -2.796  12.149  3.250   1.00 0.00 ? 37 ARG A HH12 1 
ATOM 218  H HH21 . ARG A 1 14 ? -4.067  10.333  6.110   1.00 0.00 ? 37 ARG A HH21 1 
ATOM 219  H HH22 . ARG A 1 14 ? -4.579  11.050  4.633   1.00 0.00 ? 37 ARG A HH22 1 
ATOM 220  N N    . PHE A 1 15 ? 4.006   7.612   6.621   1.00 0.00 ? 38 PHE A N    1 
ATOM 221  C CA   . PHE A 1 15 ? 4.585   6.457   5.924   1.00 0.00 ? 38 PHE A CA   1 
ATOM 222  C C    . PHE A 1 15 ? 4.441   5.183   6.751   1.00 0.00 ? 38 PHE A C    1 
ATOM 223  O O    . PHE A 1 15 ? 4.065   4.130   6.259   1.00 0.00 ? 38 PHE A O    1 
ATOM 224  C CB   . PHE A 1 15 ? 6.061   6.702   5.571   1.00 0.00 ? 38 PHE A CB   1 
ATOM 225  C CG   . PHE A 1 15 ? 6.633   5.781   4.512   1.00 0.00 ? 38 PHE A CG   1 
ATOM 226  C CD1  . PHE A 1 15 ? 5.841   5.241   3.505   1.00 0.00 ? 38 PHE A CD1  1 
ATOM 227  C CD2  . PHE A 1 15 ? 8.000   5.512   4.474   1.00 0.00 ? 38 PHE A CD2  1 
ATOM 228  C CE1  . PHE A 1 15 ? 6.387   4.517   2.466   1.00 0.00 ? 38 PHE A CE1  1 
ATOM 229  C CE2  . PHE A 1 15 ? 8.556   4.770   3.435   1.00 0.00 ? 38 PHE A CE2  1 
ATOM 230  C CZ   . PHE A 1 15 ? 7.749   4.277   2.420   1.00 0.00 ? 38 PHE A CZ   1 
ATOM 231  H H    . PHE A 1 15 ? 4.600   8.349   6.951   1.00 0.00 ? 38 PHE A H    1 
ATOM 232  H HA   . PHE A 1 15 ? 3.986   6.341   5.034   1.00 0.00 ? 38 PHE A HA   1 
ATOM 233  H HB2  . PHE A 1 15 ? 6.132   7.713   5.184   1.00 0.00 ? 38 PHE A HB2  1 
ATOM 234  H HB3  . PHE A 1 15 ? 6.693   6.684   6.459   1.00 0.00 ? 38 PHE A HB3  1 
ATOM 235  H HD1  . PHE A 1 15 ? 4.773   5.365   3.485   1.00 0.00 ? 38 PHE A HD1  1 
ATOM 236  H HD2  . PHE A 1 15 ? 8.642   5.899   5.256   1.00 0.00 ? 38 PHE A HD2  1 
ATOM 237  H HE1  . PHE A 1 15 ? 5.727   4.158   1.699   1.00 0.00 ? 38 PHE A HE1  1 
ATOM 238  H HE2  . PHE A 1 15 ? 9.620   4.587   3.406   1.00 0.00 ? 38 PHE A HE2  1 
ATOM 239  H HZ   . PHE A 1 15 ? 8.161   3.709   1.597   1.00 0.00 ? 38 PHE A HZ   1 
ATOM 240  N N    . GLU A 1 16 ? 4.747   5.404   8.030   1.00 0.00 ? 39 GLU A N    1 
ATOM 241  C CA   . GLU A 1 16 ? 4.711   4.364   9.035   1.00 0.00 ? 39 GLU A CA   1 
ATOM 242  C C    . GLU A 1 16 ? 3.337   3.674   9.059   1.00 0.00 ? 39 GLU A C    1 
ATOM 243  O O    . GLU A 1 16 ? 3.234   2.469   8.917   1.00 0.00 ? 39 GLU A O    1 
ATOM 244  C CB   . GLU A 1 16 ? 5.060   5.035   10.339  1.00 0.00 ? 39 GLU A CB   1 
ATOM 245  C CG   . GLU A 1 16 ? 5.301   4.052   11.475  1.00 0.00 ? 39 GLU A CG   1 
ATOM 246  C CD   . GLU A 1 16 ? 5.489   4.961   12.678  1.00 0.00 ? 39 GLU A CD   1 
ATOM 247  O OE1  . GLU A 1 16 ? 6.514   5.653   12.729  1.00 0.00 ? 39 GLU A OE1  1 
ATOM 248  O OE2  . GLU A 1 16 ? 4.569   5.027   13.476  1.00 0.00 ? 39 GLU A OE2  1 
ATOM 249  H H    . GLU A 1 16 ? 5.041   6.304   8.343   1.00 0.00 ? 39 GLU A H    1 
ATOM 250  H HA   . GLU A 1 16 ? 5.491   3.647   8.788   1.00 0.00 ? 39 GLU A HA   1 
ATOM 251  H HB2  . GLU A 1 16 ? 5.970   5.623   10.204  1.00 0.00 ? 39 GLU A HB2  1 
ATOM 252  H HB3  . GLU A 1 16 ? 4.273   5.739   10.611  1.00 0.00 ? 39 GLU A HB3  1 
ATOM 253  H HG2  . GLU A 1 16 ? 4.445   3.386   11.619  1.00 0.00 ? 39 GLU A HG2  1 
ATOM 254  H HG3  . GLU A 1 16 ? 6.180   3.426   11.318  1.00 0.00 ? 39 GLU A HG3  1 
ATOM 255  N N    . LYS A 1 17 ? 2.306   4.537   9.097   1.00 0.00 ? 40 LYS A N    1 
ATOM 256  C CA   . LYS A 1 17 ? 0.904   4.129   8.982   1.00 0.00 ? 40 LYS A CA   1 
ATOM 257  C C    . LYS A 1 17 ? 0.667   3.163   7.801   1.00 0.00 ? 40 LYS A C    1 
ATOM 258  O O    . LYS A 1 17 ? -0.141  2.247   7.858   1.00 0.00 ? 40 LYS A O    1 
ATOM 259  C CB   . LYS A 1 17 ? 0.020   5.393   8.811   1.00 0.00 ? 40 LYS A CB   1 
ATOM 260  C CG   . LYS A 1 17 ? -0.907  5.648   10.006  1.00 0.00 ? 40 LYS A CG   1 
ATOM 261  C CD   . LYS A 1 17 ? -2.244  4.919   9.834   1.00 0.00 ? 40 LYS A CD   1 
ATOM 262  C CE   . LYS A 1 17 ? -3.117  4.927   11.096  1.00 0.00 ? 40 LYS A CE   1 
ATOM 263  N NZ   . LYS A 1 17 ? -4.247  4.010   10.945  1.00 0.00 ? 40 LYS A NZ   1 
ATOM 264  H H    . LYS A 1 17 ? 2.524   5.475   9.354   1.00 0.00 ? 40 LYS A H    1 
ATOM 265  H HA   . LYS A 1 17 ? 0.674   3.594   9.906   1.00 0.00 ? 40 LYS A HA   1 
ATOM 266  H HB2  . LYS A 1 17 ? 0.653   6.263   8.667   1.00 0.00 ? 40 LYS A HB2  1 
ATOM 267  H HB3  . LYS A 1 17 ? -0.580  5.345   7.900   1.00 0.00 ? 40 LYS A HB3  1 
ATOM 268  H HG2  . LYS A 1 17 ? -0.414  5.330   10.926  1.00 0.00 ? 40 LYS A HG2  1 
ATOM 269  H HG3  . LYS A 1 17 ? -1.090  6.716   10.123  1.00 0.00 ? 40 LYS A HG3  1 
ATOM 270  H HD2  . LYS A 1 17 ? -2.787  5.354   8.993   1.00 0.00 ? 40 LYS A HD2  1 
ATOM 271  H HD3  . LYS A 1 17 ? -2.032  3.885   9.555   1.00 0.00 ? 40 LYS A HD3  1 
ATOM 272  H HE2  . LYS A 1 17 ? -2.535  4.600   11.961  1.00 0.00 ? 40 LYS A HE2  1 
ATOM 273  H HE3  . LYS A 1 17 ? -3.493  5.929   11.319  1.00 0.00 ? 40 LYS A HE3  1 
ATOM 274  H HZ1  . LYS A 1 17 ? -3.892  3.075   10.648  1.00 0.00 ? 40 LYS A HZ1  1 
ATOM 275  H HZ2  . LYS A 1 17 ? -4.767  3.877   11.836  1.00 0.00 ? 40 LYS A HZ2  1 
ATOM 276  H HZ3  . LYS A 1 17 ? -4.895  4.337   10.203  1.00 0.00 ? 40 LYS A HZ3  1 
ATOM 277  N N    . ILE A 1 18 ? 1.403   3.438   6.714   1.00 0.00 ? 41 ILE A N    1 
ATOM 278  C CA   . ILE A 1 18 ? 1.279   2.603   5.534   1.00 0.00 ? 41 ILE A CA   1 
ATOM 279  C C    . ILE A 1 18 ? 1.994   1.260   5.724   1.00 0.00 ? 41 ILE A C    1 
ATOM 280  O O    . ILE A 1 18 ? 1.629   0.272   5.116   1.00 0.00 ? 41 ILE A O    1 
ATOM 281  C CB   . ILE A 1 18 ? 1.777   3.341   4.282   1.00 0.00 ? 41 ILE A CB   1 
ATOM 282  C CG1  . ILE A 1 18 ? 1.113   4.702   4.125   1.00 0.00 ? 41 ILE A CG1  1 
ATOM 283  C CG2  . ILE A 1 18 ? 1.506   2.573   3.006   1.00 0.00 ? 41 ILE A CG2  1 
ATOM 284  C CD1  . ILE A 1 18 ? -0.415  4.742   4.231   1.00 0.00 ? 41 ILE A CD1  1 
ATOM 285  H H    . ILE A 1 18 ? 2.063   4.181   6.728   1.00 0.00 ? 41 ILE A H    1 
ATOM 286  H HA   . ILE A 1 18 ? 0.220   2.404   5.409   1.00 0.00 ? 41 ILE A HA   1 
ATOM 287  H HB   . ILE A 1 18 ? 2.856   3.481   4.353   1.00 0.00 ? 41 ILE A HB   1 
ATOM 288  H HG12 . ILE A 1 18 ? 1.532   5.338   4.882   1.00 0.00 ? 41 ILE A HG12 1 
ATOM 289  H HG13 . ILE A 1 18 ? 1.392   5.102   3.161   1.00 0.00 ? 41 ILE A HG13 1 
ATOM 290  H HG21 . ILE A 1 18 ? 0.440   2.423   2.956   1.00 0.00 ? 41 ILE A HG21 1 
ATOM 291  H HG22 . ILE A 1 18 ? 1.768   3.147   2.126   1.00 0.00 ? 41 ILE A HG22 1 
ATOM 292  H HG23 . ILE A 1 18 ? 2.001   1.602   2.986   1.00 0.00 ? 41 ILE A HG23 1 
ATOM 293  H HD11 . ILE A 1 18 ? -0.878  3.813   3.907   1.00 0.00 ? 41 ILE A HD11 1 
ATOM 294  H HD12 . ILE A 1 18 ? -0.718  4.918   5.262   1.00 0.00 ? 41 ILE A HD12 1 
ATOM 295  H HD13 . ILE A 1 18 ? -0.822  5.547   3.621   1.00 0.00 ? 41 ILE A HD13 1 
ATOM 296  N N    . ARG A 1 19 ? 3.023   1.236   6.555   1.00 0.00 ? 42 ARG A N    1 
ATOM 297  C CA   . ARG A 1 19 ? 3.696   -0.024  6.857   1.00 0.00 ? 42 ARG A CA   1 
ATOM 298  C C    . ARG A 1 19 ? 2.724   -1.001  7.560   1.00 0.00 ? 42 ARG A C    1 
ATOM 299  O O    . ARG A 1 19 ? 2.635   -2.166  7.202   1.00 0.00 ? 42 ARG A O    1 
ATOM 300  C CB   . ARG A 1 19 ? 4.961   0.250   7.683   1.00 0.00 ? 42 ARG A CB   1 
ATOM 301  C CG   . ARG A 1 19 ? 5.762   1.456   7.163   1.00 0.00 ? 42 ARG A CG   1 
ATOM 302  C CD   . ARG A 1 19 ? 6.277   1.316   5.720   1.00 0.00 ? 42 ARG A CD   1 
ATOM 303  N NE   . ARG A 1 19 ? 7.216   0.210   5.624   1.00 0.00 ? 42 ARG A NE   1 
ATOM 304  C CZ   . ARG A 1 19 ? 8.408   0.223   6.251   1.00 0.00 ? 42 ARG A CZ   1 
ATOM 305  N NH1  . ARG A 1 19 ? 8.801   1.340   6.861   1.00 0.00 ? 42 ARG A NH1  1 
ATOM 306  N NH2  . ARG A 1 19 ? 9.173   -0.860  6.263   1.00 0.00 ? 42 ARG A NH2  1 
ATOM 307  H H    . ARG A 1 19 ? 3.249   2.075   7.043   1.00 0.00 ? 42 ARG A H    1 
ATOM 308  H HA   . ARG A 1 19 ? 3.978   -0.470  5.903   1.00 0.00 ? 42 ARG A HA   1 
ATOM 309  H HB2  . ARG A 1 19 ? 4.680   0.446   8.720   1.00 0.00 ? 42 ARG A HB2  1 
ATOM 310  H HB3  . ARG A 1 19 ? 5.580   -0.648  7.711   1.00 0.00 ? 42 ARG A HB3  1 
ATOM 311  H HG2  . ARG A 1 19 ? 5.148   2.343   7.205   1.00 0.00 ? 42 ARG A HG2  1 
ATOM 312  H HG3  . ARG A 1 19 ? 6.568   1.656   7.867   1.00 0.00 ? 42 ARG A HG3  1 
ATOM 313  H HD2  . ARG A 1 19 ? 5.464   1.091   5.027   1.00 0.00 ? 42 ARG A HD2  1 
ATOM 314  H HD3  . ARG A 1 19 ? 6.762   2.226   5.359   1.00 0.00 ? 42 ARG A HD3  1 
ATOM 315  H HE   . ARG A 1 19 ? 6.890   -0.603  5.129   1.00 0.00 ? 42 ARG A HE   1 
ATOM 316  H HH11 . ARG A 1 19 ? 8.232   2.168   6.777   1.00 0.00 ? 42 ARG A HH11 1 
ATOM 317  H HH12 . ARG A 1 19 ? 9.624   1.365   7.425   1.00 0.00 ? 42 ARG A HH12 1 
ATOM 318  H HH21 . ARG A 1 19 ? 8.829   -1.701  5.841   1.00 0.00 ? 42 ARG A HH21 1 
ATOM 319  H HH22 . ARG A 1 19 ? 10.060  -0.875  6.716   1.00 0.00 ? 42 ARG A HH22 1 
ATOM 320  N N    . GLU A 1 20 ? 1.950   -0.445  8.503   1.00 0.00 ? 43 GLU A N    1 
ATOM 321  C CA   . GLU A 1 20 ? 0.912   -1.242  9.171   1.00 0.00 ? 43 GLU A CA   1 
ATOM 322  C C    . GLU A 1 20 ? -0.216  -1.592  8.174   1.00 0.00 ? 43 GLU A C    1 
ATOM 323  O O    . GLU A 1 20 ? -0.764  -2.690  8.137   1.00 0.00 ? 43 GLU A O    1 
ATOM 324  C CB   . GLU A 1 20 ? 0.402   -0.430  10.376  1.00 0.00 ? 43 GLU A CB   1 
ATOM 325  C CG   . GLU A 1 20 ? 0.989   -0.935  11.705  1.00 0.00 ? 43 GLU A CG   1 
ATOM 326  C CD   . GLU A 1 20 ? 0.872   0.114   12.820  1.00 0.00 ? 43 GLU A CD   1 
ATOM 327  O OE1  . GLU A 1 20 ? -0.157  0.793   12.902  1.00 0.00 ? 43 GLU A OE1  1 
ATOM 328  O OE2  . GLU A 1 20 ? 1.816   0.255   13.594  1.00 0.00 ? 43 GLU A OE2  1 
ATOM 329  H H    . GLU A 1 20 ? 2.105   0.491   8.828   1.00 0.00 ? 43 GLU A H    1 
ATOM 330  H HA   . GLU A 1 20 ? 1.374   -2.178  9.498   1.00 0.00 ? 43 GLU A HA   1 
ATOM 331  H HB2  . GLU A 1 20 ? 0.650   0.623   10.242  1.00 0.00 ? 43 GLU A HB2  1 
ATOM 332  H HB3  . GLU A 1 20 ? -0.686  -0.468  10.456  1.00 0.00 ? 43 GLU A HB3  1 
ATOM 333  H HG2  . GLU A 1 20 ? 0.474   -1.841  12.022  1.00 0.00 ? 43 GLU A HG2  1 
ATOM 334  H HG3  . GLU A 1 20 ? 2.038   -1.210  11.583  1.00 0.00 ? 43 GLU A HG3  1 
ATOM 335  N N    . TYR A 1 21 ? -0.460  -0.580  7.311   1.00 0.00 ? 44 TYR A N    1 
ATOM 336  C CA   . TYR A 1 21 ? -1.431  -0.843  6.246   1.00 0.00 ? 44 TYR A CA   1 
ATOM 337  C C    . TYR A 1 21 ? -0.989  -2.057  5.391   1.00 0.00 ? 44 TYR A C    1 
ATOM 338  O O    . TYR A 1 21 ? -1.793  -2.720  4.767   1.00 0.00 ? 44 TYR A O    1 
ATOM 339  C CB   . TYR A 1 21 ? -1.823  0.486   5.514   1.00 0.00 ? 44 TYR A CB   1 
ATOM 340  C CG   . TYR A 1 21 ? -1.568  0.692   4.024   1.00 0.00 ? 44 TYR A CG   1 
ATOM 341  C CD1  . TYR A 1 21 ? -0.588  0.028   3.292   1.00 0.00 ? 44 TYR A CD1  1 
ATOM 342  C CD2  . TYR A 1 21 ? -2.345  1.614   3.320   1.00 0.00 ? 44 TYR A CD2  1 
ATOM 343  C CE1  . TYR A 1 21 ? -0.383  0.255   1.954   1.00 0.00 ? 44 TYR A CE1  1 
ATOM 344  C CE2  . TYR A 1 21 ? -2.155  1.850   1.962   1.00 0.00 ? 44 TYR A CE2  1 
ATOM 345  C CZ   . TYR A 1 21 ? -1.148  1.189   1.288   1.00 0.00 ? 44 TYR A CZ   1 
ATOM 346  O OH   . TYR A 1 21 ? -0.846  1.510   -0.024  1.00 0.00 ? 44 TYR A OH   1 
ATOM 347  H H    . TYR A 1 21 ? -0.054  0.309   7.516   1.00 0.00 ? 44 TYR A H    1 
ATOM 348  H HA   . TYR A 1 21 ? -2.327  -1.181  6.773   1.00 0.00 ? 44 TYR A HA   1 
ATOM 349  H HB2  . TYR A 1 21 ? -2.898  0.601   5.661   1.00 0.00 ? 44 TYR A HB2  1 
ATOM 350  H HB3  . TYR A 1 21 ? -1.417  1.330   6.061   1.00 0.00 ? 44 TYR A HB3  1 
ATOM 351  H HD1  . TYR A 1 21 ? 0.090   -0.677  3.712   1.00 0.00 ? 44 TYR A HD1  1 
ATOM 352  H HD2  . TYR A 1 21 ? -3.131  2.144   3.839   1.00 0.00 ? 44 TYR A HD2  1 
ATOM 353  H HE1  . TYR A 1 21 ? 0.412   -0.319  1.514   1.00 0.00 ? 44 TYR A HE1  1 
ATOM 354  H HE2  . TYR A 1 21 ? -2.808  2.535   1.444   1.00 0.00 ? 44 TYR A HE2  1 
ATOM 355  H HH   . TYR A 1 21 ? 0.071   1.741   -0.059  1.00 0.00 ? 44 TYR A HH   1 
ATOM 356  N N    . ASN A 1 22 ? 0.344   -2.294  5.356   1.00 0.00 ? 45 ASN A N    1 
ATOM 357  C CA   . ASN A 1 22 ? 0.837   -3.400  4.535   1.00 0.00 ? 45 ASN A CA   1 
ATOM 358  C C    . ASN A 1 22 ? 0.562   -4.720  5.256   1.00 0.00 ? 45 ASN A C    1 
ATOM 359  O O    . ASN A 1 22 ? 0.314   -5.729  4.614   1.00 0.00 ? 45 ASN A O    1 
ATOM 360  C CB   . ASN A 1 22 ? 2.337   -3.261  4.180   1.00 0.00 ? 45 ASN A CB   1 
ATOM 361  C CG   . ASN A 1 22 ? 2.552   -2.593  2.814   1.00 0.00 ? 45 ASN A CG   1 
ATOM 362  O OD1  . ASN A 1 22 ? 2.606   -3.232  1.767   1.00 0.00 ? 45 ASN A OD1  1 
ATOM 363  N ND2  . ASN A 1 22 ? 2.614   -1.265  2.853   1.00 0.00 ? 45 ASN A ND2  1 
ATOM 364  H H    . ASN A 1 22 ? 0.958   -1.779  5.951   1.00 0.00 ? 45 ASN A H    1 
ATOM 365  H HA   . ASN A 1 22 ? 0.239   -3.428  3.621   1.00 0.00 ? 45 ASN A HA   1 
ATOM 366  H HB2  . ASN A 1 22 ? 2.880   -2.710  4.945   1.00 0.00 ? 45 ASN A HB2  1 
ATOM 367  H HB3  . ASN A 1 22 ? 2.815   -4.242  4.129   1.00 0.00 ? 45 ASN A HB3  1 
ATOM 368  H HD21 . ASN A 1 22 ? 2.544   -0.790  3.729   1.00 0.00 ? 45 ASN A HD21 1 
ATOM 369  H HD22 . ASN A 1 22 ? 2.715   -0.758  2.008   1.00 0.00 ? 45 ASN A HD22 1 
ATOM 370  N N    . GLU A 1 23 ? 0.575   -4.677  6.594   1.00 0.00 ? 46 GLU A N    1 
ATOM 371  C CA   . GLU A 1 23 ? 0.287   -5.885  7.364   1.00 0.00 ? 46 GLU A CA   1 
ATOM 372  C C    . GLU A 1 23 ? -1.140  -6.392  7.045   1.00 0.00 ? 46 GLU A C    1 
ATOM 373  O O    . GLU A 1 23 ? -1.390  -7.552  6.750   1.00 0.00 ? 46 GLU A O    1 
ATOM 374  C CB   . GLU A 1 23 ? 0.453   -5.537  8.851   1.00 0.00 ? 46 GLU A CB   1 
ATOM 375  C CG   . GLU A 1 23 ? 1.379   -6.508  9.592   1.00 0.00 ? 46 GLU A CG   1 
ATOM 376  C CD   . GLU A 1 23 ? 1.269   -6.240  11.093  1.00 0.00 ? 46 GLU A CD   1 
ATOM 377  O OE1  . GLU A 1 23 ? 0.148   -6.290  11.594  1.00 0.00 ? 46 GLU A OE1  1 
ATOM 378  O OE2  . GLU A 1 23 ? 2.282   -5.988  11.735  1.00 0.00 ? 46 GLU A OE2  1 
ATOM 379  H H    . GLU A 1 23 ? 0.767   -3.825  7.081   1.00 0.00 ? 46 GLU A H    1 
ATOM 380  H HA   . GLU A 1 23 ? 1.008   -6.643  7.049   1.00 0.00 ? 46 GLU A HA   1 
ATOM 381  H HB2  . GLU A 1 23 ? 0.861   -4.534  8.976   1.00 0.00 ? 46 GLU A HB2  1 
ATOM 382  H HB3  . GLU A 1 23 ? -0.523  -5.506  9.339   1.00 0.00 ? 46 GLU A HB3  1 
ATOM 383  H HG2  . GLU A 1 23 ? 1.071   -7.540  9.409   1.00 0.00 ? 46 GLU A HG2  1 
ATOM 384  H HG3  . GLU A 1 23 ? 2.412   -6.412  9.255   1.00 0.00 ? 46 GLU A HG3  1 
ATOM 385  N N    . ALA A 1 24 ? -2.040  -5.397  7.036   1.00 0.00 ? 47 ALA A N    1 
ATOM 386  C CA   . ALA A 1 24 ? -3.423  -5.665  6.651   1.00 0.00 ? 47 ALA A CA   1 
ATOM 387  C C    . ALA A 1 24 ? -3.545  -6.344  5.273   1.00 0.00 ? 47 ALA A C    1 
ATOM 388  O O    . ALA A 1 24 ? -4.404  -7.179  5.038   1.00 0.00 ? 47 ALA A O    1 
ATOM 389  C CB   . ALA A 1 24 ? -4.159  -4.338  6.575   1.00 0.00 ? 47 ALA A CB   1 
ATOM 390  H H    . ALA A 1 24 ? -1.735  -4.496  7.338   1.00 0.00 ? 47 ALA A H    1 
ATOM 391  H HA   . ALA A 1 24 ? -3.857  -6.328  7.403   1.00 0.00 ? 47 ALA A HA   1 
ATOM 392  H HB1  . ALA A 1 24 ? -3.609  -3.613  5.980   1.00 0.00 ? 47 ALA A HB1  1 
ATOM 393  H HB2  . ALA A 1 24 ? -5.107  -4.498  6.070   1.00 0.00 ? 47 ALA A HB2  1 
ATOM 394  H HB3  . ALA A 1 24 ? -4.337  -3.914  7.561   1.00 0.00 ? 47 ALA A HB3  1 
ATOM 395  N N    . LEU A 1 25 ? -2.629  -5.949  4.382   1.00 0.00 ? 48 LEU A N    1 
ATOM 396  C CA   . LEU A 1 25 ? -2.595  -6.600  3.084   1.00 0.00 ? 48 LEU A CA   1 
ATOM 397  C C    . LEU A 1 25 ? -2.391  -8.116  3.260   1.00 0.00 ? 48 LEU A C    1 
ATOM 398  O O    . LEU A 1 25 ? -3.006  -8.950  2.614   1.00 0.00 ? 48 LEU A O    1 
ATOM 399  C CB   . LEU A 1 25 ? -1.405  -6.048  2.299   1.00 0.00 ? 48 LEU A CB   1 
ATOM 400  C CG   . LEU A 1 25 ? -1.541  -6.103  0.778   1.00 0.00 ? 48 LEU A CG   1 
ATOM 401  C CD1  . LEU A 1 25 ? -0.177  -5.782  0.194   1.00 0.00 ? 48 LEU A CD1  1 
ATOM 402  C CD2  . LEU A 1 25 ? -2.015  -7.439  0.191   1.00 0.00 ? 48 LEU A CD2  1 
ATOM 403  H H    . LEU A 1 25 ? -2.042  -5.196  4.661   1.00 0.00 ? 48 LEU A H    1 
ATOM 404  H HA   . LEU A 1 25 ? -3.546  -6.392  2.592   1.00 0.00 ? 48 LEU A HA   1 
ATOM 405  H HB2  . LEU A 1 25 ? -1.267  -5.002  2.578   1.00 0.00 ? 48 LEU A HB2  1 
ATOM 406  H HB3  . LEU A 1 25 ? -0.486  -6.556  2.590   1.00 0.00 ? 48 LEU A HB3  1 
ATOM 407  H HG   . LEU A 1 25 ? -2.263  -5.336  0.495   1.00 0.00 ? 48 LEU A HG   1 
ATOM 408  H HD11 . LEU A 1 25 ? 0.585   -6.456  0.586   1.00 0.00 ? 48 LEU A HD11 1 
ATOM 409  H HD12 . LEU A 1 25 ? -0.212  -5.955  -0.874  1.00 0.00 ? 48 LEU A HD12 1 
ATOM 410  H HD13 . LEU A 1 25 ? 0.107   -4.759  0.434   1.00 0.00 ? 48 LEU A HD13 1 
ATOM 411  H HD21 . LEU A 1 25 ? -2.935  -7.771  0.645   1.00 0.00 ? 48 LEU A HD21 1 
ATOM 412  H HD22 . LEU A 1 25 ? -2.223  -7.337  -0.873  1.00 0.00 ? 48 LEU A HD22 1 
ATOM 413  H HD23 . LEU A 1 25 ? -1.282  -8.230  0.334   1.00 0.00 ? 48 LEU A HD23 1 
ATOM 414  N N    . GLU A 1 26 ? -1.437  -8.423  4.153   1.00 0.00 ? 49 GLU A N    1 
ATOM 415  C CA   . GLU A 1 26 ? -1.046  -9.807  4.394   1.00 0.00 ? 49 GLU A CA   1 
ATOM 416  C C    . GLU A 1 26 ? -2.269  -10.659 4.779   1.00 0.00 ? 49 GLU A C    1 
ATOM 417  O O    . GLU A 1 26 ? -2.460  -11.782 4.338   1.00 0.00 ? 49 GLU A O    1 
ATOM 418  C CB   . GLU A 1 26 ? 0.049   -9.796  5.471   1.00 0.00 ? 49 GLU A CB   1 
ATOM 419  C CG   . GLU A 1 26 ? 1.007   -10.984 5.354   1.00 0.00 ? 49 GLU A CG   1 
ATOM 420  C CD   . GLU A 1 26 ? 0.464   -12.125 6.216   1.00 0.00 ? 49 GLU A CD   1 
ATOM 421  O OE1  . GLU A 1 26 ? 0.612   -12.025 7.430   1.00 0.00 ? 49 GLU A OE1  1 
ATOM 422  O OE2  . GLU A 1 26 ? -0.129  -13.061 5.685   1.00 0.00 ? 49 GLU A OE2  1 
ATOM 423  H H    . GLU A 1 26 ? -1.037  -7.700  4.724   1.00 0.00 ? 49 GLU A H    1 
ATOM 424  H HA   . GLU A 1 26 ? -0.660  -10.185 3.447   1.00 0.00 ? 49 GLU A HA   1 
ATOM 425  H HB2  . GLU A 1 26 ? 0.633   -8.880  5.394   1.00 0.00 ? 49 GLU A HB2  1 
ATOM 426  H HB3  . GLU A 1 26 ? -0.391  -9.753  6.473   1.00 0.00 ? 49 GLU A HB3  1 
ATOM 427  H HG2  . GLU A 1 26 ? 1.132   -11.316 4.323   1.00 0.00 ? 49 GLU A HG2  1 
ATOM 428  H HG3  . GLU A 1 26 ? 1.998   -10.713 5.725   1.00 0.00 ? 49 GLU A HG3  1 
ATOM 429  N N    . LEU A 1 27 ? -3.153  -9.996  5.539   1.00 0.00 ? 50 LEU A N    1 
ATOM 430  C CA   . LEU A 1 27 ? -4.427  -10.608 5.881   1.00 0.00 ? 50 LEU A CA   1 
ATOM 431  C C    . LEU A 1 27 ? -5.094  -11.285 4.649   1.00 0.00 ? 50 LEU A C    1 
ATOM 432  O O    . LEU A 1 27 ? -5.463  -12.452 4.683   1.00 0.00 ? 50 LEU A O    1 
ATOM 433  C CB   . LEU A 1 27 ? -5.321  -9.542  6.524   1.00 0.00 ? 50 LEU A CB   1 
ATOM 434  C CG   . LEU A 1 27 ? -6.415  -10.119 7.423   1.00 0.00 ? 50 LEU A CG   1 
ATOM 435  C CD1  . LEU A 1 27 ? -7.255  -8.991  7.983   1.00 0.00 ? 50 LEU A CD1  1 
ATOM 436  C CD2  . LEU A 1 27 ? -7.306  -11.060 6.634   1.00 0.00 ? 50 LEU A CD2  1 
ATOM 437  H H    . LEU A 1 27 ? -2.971  -9.058  5.848   1.00 0.00 ? 50 LEU A H    1 
ATOM 438  H HA   . LEU A 1 27 ? -4.192  -11.379 6.614   1.00 0.00 ? 50 LEU A HA   1 
ATOM 439  H HB2  . LEU A 1 27 ? -4.710  -8.861  7.120   1.00 0.00 ? 50 LEU A HB2  1 
ATOM 440  H HB3  . LEU A 1 27 ? -5.784  -8.933  5.745   1.00 0.00 ? 50 LEU A HB3  1 
ATOM 441  H HG   . LEU A 1 27 ? -5.969  -10.668 8.252   1.00 0.00 ? 50 LEU A HG   1 
ATOM 442  H HD11 . LEU A 1 27 ? -7.454  -8.287  7.181   1.00 0.00 ? 50 LEU A HD11 1 
ATOM 443  H HD12 . LEU A 1 27 ? -8.208  -9.383  8.330   1.00 0.00 ? 50 LEU A HD12 1 
ATOM 444  H HD13 . LEU A 1 27 ? -6.749  -8.461  8.788   1.00 0.00 ? 50 LEU A HD13 1 
ATOM 445  H HD21 . LEU A 1 27 ? -7.531  -10.660 5.655   1.00 0.00 ? 50 LEU A HD21 1 
ATOM 446  H HD22 . LEU A 1 27 ? -6.753  -11.965 6.467   1.00 0.00 ? 50 LEU A HD22 1 
ATOM 447  H HD23 . LEU A 1 27 ? -8.235  -11.300 7.148   1.00 0.00 ? 50 LEU A HD23 1 
ATOM 448  N N    . LYS A 1 28 ? -5.205  -10.557 3.550   1.00 0.00 ? 51 LYS A N    1 
ATOM 449  C CA   . LYS A 1 28 ? -5.801  -11.146 2.354   1.00 0.00 ? 51 LYS A CA   1 
ATOM 450  C C    . LYS A 1 28 ? -5.001  -12.335 1.811   1.00 0.00 ? 51 LYS A C    1 
ATOM 451  O O    . LYS A 1 28 ? -5.542  -13.379 1.452   1.00 0.00 ? 51 LYS A O    1 
ATOM 452  C CB   . LYS A 1 28 ? -5.897  -9.997  1.364   1.00 0.00 ? 51 LYS A CB   1 
ATOM 453  C CG   . LYS A 1 28 ? -6.511  -10.338 0.012   1.00 0.00 ? 51 LYS A CG   1 
ATOM 454  C CD   . LYS A 1 28 ? -5.427  -10.579 -1.033  1.00 0.00 ? 51 LYS A CD   1 
ATOM 455  C CE   . LYS A 1 28 ? -5.981  -10.344 -2.427  1.00 0.00 ? 51 LYS A CE   1 
ATOM 456  N NZ   . LYS A 1 28 ? -4.920  -10.504 -3.389  1.00 0.00 ? 51 LYS A NZ   1 
ATOM 457  H H    . LYS A 1 28 ? -4.905  -9.602  3.599   1.00 0.00 ? 51 LYS A H    1 
ATOM 458  H HA   . LYS A 1 28 ? -6.774  -11.548 2.606   1.00 0.00 ? 51 LYS A HA   1 
ATOM 459  H HB2  . LYS A 1 28 ? -6.474  -9.192  1.825   1.00 0.00 ? 51 LYS A HB2  1 
ATOM 460  H HB3  . LYS A 1 28 ? -4.891  -9.611  1.228   1.00 0.00 ? 51 LYS A HB3  1 
ATOM 461  H HG2  . LYS A 1 28 ? -7.178  -11.198 0.081   1.00 0.00 ? 51 LYS A HG2  1 
ATOM 462  H HG3  . LYS A 1 28 ? -7.128  -9.492  -0.298  1.00 0.00 ? 51 LYS A HG3  1 
ATOM 463  H HD2  . LYS A 1 28 ? -4.589  -9.895  -0.870  1.00 0.00 ? 51 LYS A HD2  1 
ATOM 464  H HD3  . LYS A 1 28 ? -5.013  -11.583 -0.923  1.00 0.00 ? 51 LYS A HD3  1 
ATOM 465  H HE2  . LYS A 1 28 ? -6.789  -11.036 -2.673  1.00 0.00 ? 51 LYS A HE2  1 
ATOM 466  H HE3  . LYS A 1 28 ? -6.360  -9.324  -2.531  1.00 0.00 ? 51 LYS A HE3  1 
ATOM 467  H HZ1  . LYS A 1 28 ? -4.038  -10.288 -2.887  1.00 0.00 ? 51 LYS A HZ1  1 
ATOM 468  H HZ2  . LYS A 1 28 ? -4.923  -11.491 -3.700  1.00 0.00 ? 51 LYS A HZ2  1 
ATOM 469  H HZ3  . LYS A 1 28 ? -5.133  -9.831  -4.146  1.00 0.00 ? 51 LYS A HZ3  1 
ATOM 470  N N    . ASP A 1 29 ? -3.678  -12.118 1.768   1.00 0.00 ? 52 ASP A N    1 
ATOM 471  C CA   . ASP A 1 29 ? -2.818  -13.168 1.235   1.00 0.00 ? 52 ASP A CA   1 
ATOM 472  C C    . ASP A 1 29 ? -2.839  -14.432 2.145   1.00 0.00 ? 52 ASP A C    1 
ATOM 473  O O    . ASP A 1 29 ? -2.502  -15.531 1.725   1.00 0.00 ? 52 ASP A O    1 
ATOM 474  C CB   . ASP A 1 29 ? -1.416  -12.574 1.008   1.00 0.00 ? 52 ASP A CB   1 
ATOM 475  C CG   . ASP A 1 29 ? -0.674  -13.330 -0.098  1.00 0.00 ? 52 ASP A CG   1 
ATOM 476  O OD1  . ASP A 1 29 ? -0.016  -14.316 0.200   1.00 0.00 ? 52 ASP A OD1  1 
ATOM 477  O OD2  . ASP A 1 29 ? -0.759  -12.921 -1.258  1.00 0.00 ? 52 ASP A OD2  1 
ATOM 478  H H    . ASP A 1 29 ? -3.296  -11.274 2.148   1.00 0.00 ? 52 ASP A H    1 
ATOM 479  H HA   . ASP A 1 29 ? -3.250  -13.451 0.274   1.00 0.00 ? 52 ASP A HA   1 
ATOM 480  H HB2  . ASP A 1 29 ? -1.486  -11.528 0.706   1.00 0.00 ? 52 ASP A HB2  1 
ATOM 481  H HB3  . ASP A 1 29 ? -0.829  -12.580 1.931   1.00 0.00 ? 52 ASP A HB3  1 
ATOM 482  N N    . ALA A 1 30 ? -3.310  -14.192 3.391   1.00 0.00 ? 53 ALA A N    1 
ATOM 483  C CA   . ALA A 1 30 ? -3.495  -15.217 4.416   1.00 0.00 ? 53 ALA A CA   1 
ATOM 484  C C    . ALA A 1 30 ? -4.883  -15.888 4.302   1.00 0.00 ? 53 ALA A C    1 
ATOM 485  O O    . ALA A 1 30 ? -5.045  -16.942 3.701   1.00 0.00 ? 53 ALA A O    1 
ATOM 486  C CB   . ALA A 1 30 ? -3.292  -14.588 5.809   1.00 0.00 ? 53 ALA A CB   1 
ATOM 487  H H    . ALA A 1 30 ? -3.505  -13.250 3.665   1.00 0.00 ? 53 ALA A H    1 
ATOM 488  H HA   . ALA A 1 30 ? -2.738  -15.985 4.251   1.00 0.00 ? 53 ALA A HA   1 
ATOM 489  H HB1  . ALA A 1 30 ? -3.858  -13.669 5.934   1.00 0.00 ? 53 ALA A HB1  1 
ATOM 490  H HB2  . ALA A 1 30 ? -3.584  -15.262 6.613   1.00 0.00 ? 53 ALA A HB2  1 
ATOM 491  H HB3  . ALA A 1 30 ? -2.246  -14.331 5.966   1.00 0.00 ? 53 ALA A HB3  1 
ATOM 492  N N    . GLN A 1 31 ? -5.880  -15.271 4.966   1.00 0.00 ? 54 GLN A N    1 
ATOM 493  C CA   . GLN A 1 31 ? -7.214  -15.866 4.931   1.00 0.00 ? 54 GLN A CA   1 
ATOM 494  C C    . GLN A 1 31 ? -7.969  -15.336 3.692   1.00 0.00 ? 54 GLN A C    1 
ATOM 495  O O    . GLN A 1 31 ? -7.454  -15.274 2.581   1.00 0.00 ? 54 GLN A O    1 
ATOM 496  C CB   . GLN A 1 31 ? -7.935  -15.671 6.288   1.00 0.00 ? 54 GLN A CB   1 
ATOM 497  C CG   . GLN A 1 31 ? -8.230  -14.205 6.654   1.00 0.00 ? 54 GLN A CG   1 
ATOM 498  C CD   . GLN A 1 31 ? -7.526  -13.793 7.956   1.00 0.00 ? 54 GLN A CD   1 
ATOM 499  O OE1  . GLN A 1 31 ? -6.317  -13.674 8.011   1.00 0.00 ? 54 GLN A OE1  1 
ATOM 500  N NE2  . GLN A 1 31 ? -8.340  -13.519 8.975   1.00 0.00 ? 54 GLN A NE2  1 
ATOM 501  H H    . GLN A 1 31 ? -5.656  -14.370 5.337   1.00 0.00 ? 54 GLN A H    1 
ATOM 502  H HA   . GLN A 1 31 ? -7.102  -16.946 4.795   1.00 0.00 ? 54 GLN A HA   1 
ATOM 503  H HB2  . GLN A 1 31 ? -8.864  -16.244 6.298   1.00 0.00 ? 54 GLN A HB2  1 
ATOM 504  H HB3  . GLN A 1 31 ? -7.319  -16.143 7.056   1.00 0.00 ? 54 GLN A HB3  1 
ATOM 505  H HG2  . GLN A 1 31 ? -7.887  -13.553 5.851   1.00 0.00 ? 54 GLN A HG2  1 
ATOM 506  H HG3  . GLN A 1 31 ? -9.299  -14.017 6.740   1.00 0.00 ? 54 GLN A HG3  1 
ATOM 507  H HE21 . GLN A 1 31 ? -9.324  -13.637 8.944   1.00 0.00 ? 54 GLN A HE21 1 
ATOM 508  H HE22 . GLN A 1 31 ? -7.816  -13.133 9.736   1.00 0.00 ? 54 GLN A HE22 1 
ATOM 509  N N    . GLU B 1 3  ? 10.628  15.549  -0.944  1.00 0.00 ? 26 GLU C N    1 
ATOM 510  C CA   . GLU B 1 3  ? 9.672   14.477  -0.899  1.00 0.00 ? 26 GLU C CA   1 
ATOM 511  C C    . GLU B 1 3  ? 9.619   13.932  0.513   1.00 0.00 ? 26 GLU C C    1 
ATOM 512  O O    . GLU B 1 3  ? 10.602  13.738  1.215   1.00 0.00 ? 26 GLU C O    1 
ATOM 513  C CB   . GLU B 1 3  ? 10.097  13.369  -1.841  1.00 0.00 ? 26 GLU C CB   1 
ATOM 514  C CG   . GLU B 1 3  ? 10.150  13.839  -3.293  1.00 0.00 ? 26 GLU C CG   1 
ATOM 515  C CD   . GLU B 1 3  ? 10.732  12.669  -4.071  1.00 0.00 ? 26 GLU C CD   1 
ATOM 516  O OE1  . GLU B 1 3  ? 11.956  12.531  -4.116  1.00 0.00 ? 26 GLU C OE1  1 
ATOM 517  O OE2  . GLU B 1 3  ? 9.943   11.875  -4.565  1.00 0.00 ? 26 GLU C OE2  1 
ATOM 518  H H    . GLU B 1 3  ? 11.549  15.334  -1.271  1.00 0.00 ? 26 GLU C H    1 
ATOM 519  H HA   . GLU B 1 3  ? 8.700   14.877  -1.201  1.00 0.00 ? 26 GLU C HA   1 
ATOM 520  H HB2  . GLU B 1 3  ? 11.082  13.004  -1.538  1.00 0.00 ? 26 GLU C HB2  1 
ATOM 521  H HB3  . GLU B 1 3  ? 9.412   12.523  -1.766  1.00 0.00 ? 26 GLU C HB3  1 
ATOM 522  H HG2  . GLU B 1 3  ? 9.156   14.083  -3.673  1.00 0.00 ? 26 GLU C HG2  1 
ATOM 523  H HG3  . GLU B 1 3  ? 10.779  14.719  -3.431  1.00 0.00 ? 26 GLU C HG3  1 
ATOM 524  N N    . TYR B 1 4  ? 8.368   13.698  0.893   1.00 0.00 ? 27 TYR C N    1 
ATOM 525  C CA   . TYR B 1 4  ? 8.137   13.145  2.200   1.00 0.00 ? 27 TYR C CA   1 
ATOM 526  C C    . TYR B 1 4  ? 8.515   11.662  2.184   1.00 0.00 ? 27 TYR C C    1 
ATOM 527  O O    . TYR B 1 4  ? 9.490   11.234  2.780   1.00 0.00 ? 27 TYR C O    1 
ATOM 528  C CB   . TYR B 1 4  ? 6.678   13.436  2.579   1.00 0.00 ? 27 TYR C CB   1 
ATOM 529  C CG   . TYR B 1 4  ? 6.460   14.919  2.584   1.00 0.00 ? 27 TYR C CG   1 
ATOM 530  C CD1  . TYR B 1 4  ? 6.756   15.661  3.723   1.00 0.00 ? 27 TYR C CD1  1 
ATOM 531  C CD2  . TYR B 1 4  ? 6.016   15.577  1.440   1.00 0.00 ? 27 TYR C CD2  1 
ATOM 532  C CE1  . TYR B 1 4  ? 6.621   17.039  3.708   1.00 0.00 ? 27 TYR C CE1  1 
ATOM 533  C CE2  . TYR B 1 4  ? 5.879   16.957  1.428   1.00 0.00 ? 27 TYR C CE2  1 
ATOM 534  C CZ   . TYR B 1 4  ? 6.179   17.686  2.567   1.00 0.00 ? 27 TYR C CZ   1 
ATOM 535  O OH   . TYR B 1 4  ? 5.992   19.049  2.606   1.00 0.00 ? 27 TYR C OH   1 
ATOM 536  H H    . TYR B 1 4  ? 7.685   13.931  0.207   1.00 0.00 ? 27 TYR C H    1 
ATOM 537  H HA   . TYR B 1 4  ? 8.804   13.647  2.904   1.00 0.00 ? 27 TYR C HA   1 
ATOM 538  H HB2  . TYR B 1 4  ? 5.998   12.961  1.871   1.00 0.00 ? 27 TYR C HB2  1 
ATOM 539  H HB3  . TYR B 1 4  ? 6.454   13.052  3.569   1.00 0.00 ? 27 TYR C HB3  1 
ATOM 540  H HD1  . TYR B 1 4  ? 7.123   15.174  4.617   1.00 0.00 ? 27 TYR C HD1  1 
ATOM 541  H HD2  . TYR B 1 4  ? 5.807   15.020  0.536   1.00 0.00 ? 27 TYR C HD2  1 
ATOM 542  H HE1  . TYR B 1 4  ? 6.873   17.609  4.588   1.00 0.00 ? 27 TYR C HE1  1 
ATOM 543  H HE2  . TYR B 1 4  ? 5.563   17.441  0.512   1.00 0.00 ? 27 TYR C HE2  1 
ATOM 544  H HH   . TYR B 1 4  ? 6.678   19.427  2.035   1.00 0.00 ? 27 TYR C HH   1 
ATOM 545  N N    . PHE B 1 5  ? 7.608   10.871  1.565   1.00 0.00 ? 28 PHE C N    1 
ATOM 546  C CA   . PHE B 1 5  ? 7.705   9.408   1.597   1.00 0.00 ? 28 PHE C CA   1 
ATOM 547  C C    . PHE B 1 5  ? 6.774   8.899   0.513   1.00 0.00 ? 28 PHE C C    1 
ATOM 548  O O    . PHE B 1 5  ? 5.769   9.538   0.225   1.00 0.00 ? 28 PHE C O    1 
ATOM 549  C CB   . PHE B 1 5  ? 7.199   8.765   2.914   1.00 0.00 ? 28 PHE C CB   1 
ATOM 550  C CG   . PHE B 1 5  ? 7.656   9.504   4.132   1.00 0.00 ? 28 PHE C CG   1 
ATOM 551  C CD1  . PHE B 1 5  ? 6.957   10.633  4.536   1.00 0.00 ? 28 PHE C CD1  1 
ATOM 552  C CD2  . PHE B 1 5  ? 8.815   9.136   4.801   1.00 0.00 ? 28 PHE C CD2  1 
ATOM 553  C CE1  . PHE B 1 5  ? 7.477   11.448  5.527   1.00 0.00 ? 28 PHE C CE1  1 
ATOM 554  C CE2  . PHE B 1 5  ? 9.316   9.941   5.814   1.00 0.00 ? 28 PHE C CE2  1 
ATOM 555  C CZ   . PHE B 1 5  ? 8.658   11.109  6.161   1.00 0.00 ? 28 PHE C CZ   1 
ATOM 556  H H    . PHE B 1 5  ? 6.887   11.255  0.992   1.00 0.00 ? 28 PHE C H    1 
ATOM 557  H HA   . PHE B 1 5  ? 8.739   9.142   1.370   1.00 0.00 ? 28 PHE C HA   1 
ATOM 558  H HB2  . PHE B 1 5  ? 6.113   8.719   2.951   1.00 0.00 ? 28 PHE C HB2  1 
ATOM 559  H HB3  . PHE B 1 5  ? 7.564   7.740   2.950   1.00 0.00 ? 28 PHE C HB3  1 
ATOM 560  H HD1  . PHE B 1 5  ? 6.037   10.892  4.035   1.00 0.00 ? 28 PHE C HD1  1 
ATOM 561  H HD2  . PHE B 1 5  ? 9.350   8.240   4.519   1.00 0.00 ? 28 PHE C HD2  1 
ATOM 562  H HE1  . PHE B 1 5  ? 6.989   12.363  5.810   1.00 0.00 ? 28 PHE C HE1  1 
ATOM 563  H HE2  . PHE B 1 5  ? 10.233  9.676   6.327   1.00 0.00 ? 28 PHE C HE2  1 
ATOM 564  H HZ   . PHE B 1 5  ? 9.065   11.756  6.926   1.00 0.00 ? 28 PHE C HZ   1 
ATOM 565  N N    . THR B 1 6  ? 7.105   7.738   -0.056  1.00 0.00 ? 29 THR C N    1 
ATOM 566  C CA   . THR B 1 6  ? 6.236   7.179   -1.079  1.00 0.00 ? 29 THR C CA   1 
ATOM 567  C C    . THR B 1 6  ? 6.619   5.690   -1.268  1.00 0.00 ? 29 THR C C    1 
ATOM 568  O O    . THR B 1 6  ? 7.784   5.327   -1.147  1.00 0.00 ? 29 THR C O    1 
ATOM 569  C CB   . THR B 1 6  ? 6.321   8.057   -2.355  1.00 0.00 ? 29 THR C CB   1 
ATOM 570  O OG1  . THR B 1 6  ? 5.111   7.948   -3.069  1.00 0.00 ? 29 THR C OG1  1 
ATOM 571  C CG2  . THR B 1 6  ? 7.630   7.897   -3.150  1.00 0.00 ? 29 THR C CG2  1 
ATOM 572  H H    . THR B 1 6  ? 7.932   7.208   0.150   1.00 0.00 ? 29 THR C H    1 
ATOM 573  H HA   . THR B 1 6  ? 5.224   7.217   -0.675  1.00 0.00 ? 29 THR C HA   1 
ATOM 574  H HB   . THR B 1 6  ? 6.336   9.111   -2.080  1.00 0.00 ? 29 THR C HB   1 
ATOM 575  H HG1  . THR B 1 6  ? 5.076   7.106   -3.479  1.00 0.00 ? 29 THR C HG1  1 
ATOM 576  H HG21 . THR B 1 6  ? 7.874   6.874   -3.429  1.00 0.00 ? 29 THR C HG21 1 
ATOM 577  H HG22 . THR B 1 6  ? 7.618   8.502   -4.057  1.00 0.00 ? 29 THR C HG22 1 
ATOM 578  H HG23 . THR B 1 6  ? 8.474   8.257   -2.560  1.00 0.00 ? 29 THR C HG23 1 
ATOM 579  N N    . LEU B 1 7  ? 5.584   4.858   -1.517  1.00 0.00 ? 30 LEU C N    1 
ATOM 580  C CA   . LEU B 1 7  ? 5.845   3.461   -1.858  1.00 0.00 ? 30 LEU C CA   1 
ATOM 581  C C    . LEU B 1 7  ? 5.874   3.375   -3.376  1.00 0.00 ? 30 LEU C C    1 
ATOM 582  O O    . LEU B 1 7  ? 4.841   3.348   -4.043  1.00 0.00 ? 30 LEU C O    1 
ATOM 583  C CB   . LEU B 1 7  ? 4.771   2.491   -1.329  1.00 0.00 ? 30 LEU C CB   1 
ATOM 584  C CG   . LEU B 1 7  ? 5.012   2.070   0.129   1.00 0.00 ? 30 LEU C CG   1 
ATOM 585  C CD1  . LEU B 1 7  ? 3.840   2.502   0.998   1.00 0.00 ? 30 LEU C CD1  1 
ATOM 586  C CD2  . LEU B 1 7  ? 5.246   0.566   0.303   1.00 0.00 ? 30 LEU C CD2  1 
ATOM 587  H H    . LEU B 1 7  ? 4.665   5.232   -1.648  1.00 0.00 ? 30 LEU C H    1 
ATOM 588  H HA   . LEU B 1 7  ? 6.822   3.169   -1.470  1.00 0.00 ? 30 LEU C HA   1 
ATOM 589  H HB2  . LEU B 1 7  ? 3.786   2.934   -1.471  1.00 0.00 ? 30 LEU C HB2  1 
ATOM 590  H HB3  . LEU B 1 7  ? 4.765   1.591   -1.943  1.00 0.00 ? 30 LEU C HB3  1 
ATOM 591  H HG   . LEU B 1 7  ? 5.921   2.551   0.484   1.00 0.00 ? 30 LEU C HG   1 
ATOM 592  H HD11 . LEU B 1 7  ? 3.598   3.554   0.840   1.00 0.00 ? 30 LEU C HD11 1 
ATOM 593  H HD12 . LEU B 1 7  ? 2.960   1.897   0.784   1.00 0.00 ? 30 LEU C HD12 1 
ATOM 594  H HD13 . LEU B 1 7  ? 4.085   2.379   2.055   1.00 0.00 ? 30 LEU C HD13 1 
ATOM 595  H HD21 . LEU B 1 7  ? 6.119   0.239   -0.261  1.00 0.00 ? 30 LEU C HD21 1 
ATOM 596  H HD22 . LEU B 1 7  ? 5.416   0.320   1.353   1.00 0.00 ? 30 LEU C HD22 1 
ATOM 597  H HD23 . LEU B 1 7  ? 4.383   -0.013  -0.030  1.00 0.00 ? 30 LEU C HD23 1 
ATOM 598  N N    . GLN B 1 8  ? 7.120   3.316   -3.853  1.00 0.00 ? 31 GLN C N    1 
ATOM 599  C CA   . GLN B 1 8  ? 7.368   3.162   -5.268  1.00 0.00 ? 31 GLN C CA   1 
ATOM 600  C C    . GLN B 1 8  ? 6.995   1.740   -5.709  1.00 0.00 ? 31 GLN C C    1 
ATOM 601  O O    . GLN B 1 8  ? 6.855   0.806   -4.919  1.00 0.00 ? 31 GLN C O    1 
ATOM 602  C CB   . GLN B 1 8  ? 8.832   3.519   -5.567  1.00 0.00 ? 31 GLN C CB   1 
ATOM 603  C CG   . GLN B 1 8  ? 9.025   4.023   -7.012  1.00 0.00 ? 31 GLN C CG   1 
ATOM 604  C CD   . GLN B 1 8  ? 9.829   5.319   -7.141  1.00 0.00 ? 31 GLN C CD   1 
ATOM 605  O OE1  . GLN B 1 8  ? 9.551   6.104   -8.024  1.00 0.00 ? 31 GLN C OE1  1 
ATOM 606  N NE2  . GLN B 1 8  ? 10.815  5.480   -6.252  1.00 0.00 ? 31 GLN C NE2  1 
ATOM 607  H H    . GLN B 1 8  ? 7.853   3.470   -3.189  1.00 0.00 ? 31 GLN C H    1 
ATOM 608  H HA   . GLN B 1 8  ? 6.703   3.857   -5.780  1.00 0.00 ? 31 GLN C HA   1 
ATOM 609  H HB2  . GLN B 1 8  ? 9.127   4.288   -4.851  1.00 0.00 ? 31 GLN C HB2  1 
ATOM 610  H HB3  . GLN B 1 8  ? 9.485   2.669   -5.373  1.00 0.00 ? 31 GLN C HB3  1 
ATOM 611  H HG2  . GLN B 1 8  ? 9.499   3.272   -7.641  1.00 0.00 ? 31 GLN C HG2  1 
ATOM 612  H HG3  . GLN B 1 8  ? 8.062   4.251   -7.469  1.00 0.00 ? 31 GLN C HG3  1 
ATOM 613  H HE21 . GLN B 1 8  ? 11.090  4.872   -5.515  1.00 0.00 ? 31 GLN C HE21 1 
ATOM 614  H HE22 . GLN B 1 8  ? 11.291  6.364   -6.339  1.00 0.00 ? 31 GLN C HE22 1 
ATOM 615  N N    . ILE B 1 9  ? 6.826   1.655   -7.032  1.00 0.00 ? 32 ILE C N    1 
ATOM 616  C CA   . ILE B 1 9  ? 6.342   0.433   -7.641  1.00 0.00 ? 32 ILE C CA   1 
ATOM 617  C C    . ILE B 1 9  ? 7.272   -0.011  -8.784  1.00 0.00 ? 32 ILE C C    1 
ATOM 618  O O    . ILE B 1 9  ? 8.004   -0.999  -8.656  1.00 0.00 ? 32 ILE C O    1 
ATOM 619  C CB   . ILE B 1 9  ? 4.857   0.575   -8.034  1.00 0.00 ? 32 ILE C CB   1 
ATOM 620  C CG1  . ILE B 1 9  ? 4.123   1.836   -7.506  1.00 0.00 ? 32 ILE C CG1  1 
ATOM 621  C CG2  . ILE B 1 9  ? 4.145   -0.688  -7.585  1.00 0.00 ? 32 ILE C CG2  1 
ATOM 622  C CD1  . ILE B 1 9  ? 3.539   1.761   -6.089  1.00 0.00 ? 32 ILE C CD1  1 
ATOM 623  H H    . ILE B 1 9  ? 6.932   2.510   -7.544  1.00 0.00 ? 32 ILE C H    1 
ATOM 624  H HA   . ILE B 1 9  ? 6.435   -0.355  -6.891  1.00 0.00 ? 32 ILE C HA   1 
ATOM 625  H HB   . ILE B 1 9  ? 4.774   0.634   -9.121  1.00 0.00 ? 32 ILE C HB   1 
ATOM 626  H HG12 . ILE B 1 9  ? 4.741   2.721   -7.576  1.00 0.00 ? 32 ILE C HG12 1 
ATOM 627  H HG13 . ILE B 1 9  ? 3.301   2.046   -8.181  1.00 0.00 ? 32 ILE C HG13 1 
ATOM 628  H HG21 . ILE B 1 9  ? 4.591   -1.597  -7.975  1.00 0.00 ? 32 ILE C HG21 1 
ATOM 629  H HG22 . ILE B 1 9  ? 4.173   -0.781  -6.502  1.00 0.00 ? 32 ILE C HG22 1 
ATOM 630  H HG23 . ILE B 1 9  ? 3.120   -0.636  -7.901  1.00 0.00 ? 32 ILE C HG23 1 
ATOM 631  H HD11 . ILE B 1 9  ? 4.220   1.301   -5.374  1.00 0.00 ? 32 ILE C HD11 1 
ATOM 632  H HD12 . ILE B 1 9  ? 3.277   2.755   -5.729  1.00 0.00 ? 32 ILE C HD12 1 
ATOM 633  H HD13 . ILE B 1 9  ? 2.603   1.214   -6.080  1.00 0.00 ? 32 ILE C HD13 1 
ATOM 634  N N    . ARG B 1 10 ? 7.226   0.798   -9.874  1.00 0.00 ? 33 ARG C N    1 
ATOM 635  C CA   . ARG B 1 10 ? 8.076   0.644   -11.057 1.00 0.00 ? 33 ARG C CA   1 
ATOM 636  C C    . ARG B 1 10 ? 7.440   -0.316  -12.100 1.00 0.00 ? 33 ARG C C    1 
ATOM 637  O O    . ARG B 1 10 ? 7.671   -1.521  -12.059 1.00 0.00 ? 33 ARG C O    1 
ATOM 638  C CB   . ARG B 1 10 ? 9.490   0.168   -10.622 1.00 0.00 ? 33 ARG C CB   1 
ATOM 639  C CG   . ARG B 1 10 ? 10.690  0.859   -11.266 1.00 0.00 ? 33 ARG C CG   1 
ATOM 640  C CD   . ARG B 1 10 ? 12.008  0.411   -10.603 1.00 0.00 ? 33 ARG C CD   1 
ATOM 641  N NE   . ARG B 1 10 ? 11.953  0.709   -9.173  1.00 0.00 ? 33 ARG C NE   1 
ATOM 642  C CZ   . ARG B 1 10 ? 12.786  0.255   -8.207  1.00 0.00 ? 33 ARG C CZ   1 
ATOM 643  N NH1  . ARG B 1 10 ? 13.786  -0.562  -8.546  1.00 0.00 ? 33 ARG C NH1  1 
ATOM 644  N NH2  . ARG B 1 10 ? 12.592  0.620   -6.948  1.00 0.00 ? 33 ARG C NH2  1 
ATOM 645  H H    . ARG B 1 10 ? 6.558   1.543   -9.835  1.00 0.00 ? 33 ARG C H    1 
ATOM 646  H HA   . ARG B 1 10 ? 8.131   1.640   -11.487 1.00 0.00 ? 33 ARG C HA   1 
ATOM 647  H HB2  . ARG B 1 10 ? 9.595   0.384   -9.564  1.00 0.00 ? 33 ARG C HB2  1 
ATOM 648  H HB3  . ARG B 1 10 ? 9.581   -0.916  -10.710 1.00 0.00 ? 33 ARG C HB3  1 
ATOM 649  H HG2  . ARG B 1 10 ? 10.694  0.677   -12.339 1.00 0.00 ? 33 ARG C HG2  1 
ATOM 650  H HG3  . ARG B 1 10 ? 10.579  1.938   -11.140 1.00 0.00 ? 33 ARG C HG3  1 
ATOM 651  H HD2  . ARG B 1 10 ? 12.161  -0.663  -10.728 1.00 0.00 ? 33 ARG C HD2  1 
ATOM 652  H HD3  . ARG B 1 10 ? 12.859  0.960   -11.010 1.00 0.00 ? 33 ARG C HD3  1 
ATOM 653  H HE   . ARG B 1 10 ? 11.234  1.367   -8.913  1.00 0.00 ? 33 ARG C HE   1 
ATOM 654  H HH11 . ARG B 1 10 ? 13.936  -0.746  -9.519  1.00 0.00 ? 33 ARG C HH11 1 
ATOM 655  H HH12 . ARG B 1 10 ? 14.403  -0.984  -7.871  1.00 0.00 ? 33 ARG C HH12 1 
ATOM 656  H HH21 . ARG B 1 10 ? 11.792  1.167   -6.686  1.00 0.00 ? 33 ARG C HH21 1 
ATOM 657  H HH22 . ARG B 1 10 ? 13.232  0.397   -6.218  1.00 0.00 ? 33 ARG C HH22 1 
ATOM 658  N N    . GLY B 1 11 ? 6.711   0.257   -13.077 1.00 0.00 ? 34 GLY C N    1 
ATOM 659  C CA   . GLY B 1 11 ? 6.054   -0.525  -14.136 1.00 0.00 ? 34 GLY C CA   1 
ATOM 660  C C    . GLY B 1 11 ? 4.547   -0.298  -14.015 1.00 0.00 ? 34 GLY C C    1 
ATOM 661  O O    . GLY B 1 11 ? 4.074   -0.101  -12.908 1.00 0.00 ? 34 GLY C O    1 
ATOM 662  H H    . GLY B 1 11 ? 6.544   1.243   -13.032 1.00 0.00 ? 34 GLY C H    1 
ATOM 663  H HA2  . GLY B 1 11 ? 6.427   -0.163  -15.094 1.00 0.00 ? 34 GLY C HA2  1 
ATOM 664  H HA3  . GLY B 1 11 ? 6.280   -1.588  -14.028 1.00 0.00 ? 34 GLY C HA3  1 
ATOM 665  N N    . ARG B 1 12 ? 3.848   -0.273  -15.155 1.00 0.00 ? 35 ARG C N    1 
ATOM 666  C CA   . ARG B 1 12 ? 2.429   0.091   -15.135 1.00 0.00 ? 35 ARG C CA   1 
ATOM 667  C C    . ARG B 1 12 ? 1.618   -0.903  -14.296 1.00 0.00 ? 35 ARG C C    1 
ATOM 668  O O    . ARG B 1 12 ? 1.104   -0.595  -13.219 1.00 0.00 ? 35 ARG C O    1 
ATOM 669  C CB   . ARG B 1 12 ? 1.956   0.282   -16.585 1.00 0.00 ? 35 ARG C CB   1 
ATOM 670  C CG   . ARG B 1 12 ? 0.962   1.441   -16.757 1.00 0.00 ? 35 ARG C CG   1 
ATOM 671  C CD   . ARG B 1 12 ? -0.476  0.962   -16.960 1.00 0.00 ? 35 ARG C CD   1 
ATOM 672  N NE   . ARG B 1 12 ? -1.098  1.740   -18.029 1.00 0.00 ? 35 ARG C NE   1 
ATOM 673  C CZ   . ARG B 1 12 ? -2.239  1.304   -18.613 1.00 0.00 ? 35 ARG C CZ   1 
ATOM 674  N NH1  . ARG B 1 12 ? -2.808  0.172   -18.188 1.00 0.00 ? 35 ARG C NH1  1 
ATOM 675  N NH2  . ARG B 1 12 ? -2.776  2.021   -19.600 1.00 0.00 ? 35 ARG C NH2  1 
ATOM 676  H H    . ARG B 1 12 ? 4.252   -0.462  -16.044 1.00 0.00 ? 35 ARG C H    1 
ATOM 677  H HA   . ARG B 1 12 ? 2.357   1.026   -14.599 1.00 0.00 ? 35 ARG C HA   1 
ATOM 678  H HB2  . ARG B 1 12 ? 2.820   0.529   -17.202 1.00 0.00 ? 35 ARG C HB2  1 
ATOM 679  H HB3  . ARG B 1 12 ? 1.578   -0.648  -17.016 1.00 0.00 ? 35 ARG C HB3  1 
ATOM 680  H HG2  . ARG B 1 12 ? 0.997   2.133   -15.916 1.00 0.00 ? 35 ARG C HG2  1 
ATOM 681  H HG3  . ARG B 1 12 ? 1.278   2.023   -17.624 1.00 0.00 ? 35 ARG C HG3  1 
ATOM 682  H HD2  . ARG B 1 12 ? -0.493  -0.089  -17.255 1.00 0.00 ? 35 ARG C HD2  1 
ATOM 683  H HD3  . ARG B 1 12 ? -1.078  1.080   -16.056 1.00 0.00 ? 35 ARG C HD3  1 
ATOM 684  H HE   . ARG B 1 12 ? -0.620  2.571   -18.330 1.00 0.00 ? 35 ARG C HE   1 
ATOM 685  H HH11 . ARG B 1 12 ? -2.392  -0.359  -17.437 1.00 0.00 ? 35 ARG C HH11 1 
ATOM 686  H HH12 . ARG B 1 12 ? -3.639  -0.219  -18.588 1.00 0.00 ? 35 ARG C HH12 1 
ATOM 687  H HH21 . ARG B 1 12 ? -2.335  2.849   -19.952 1.00 0.00 ? 35 ARG C HH21 1 
ATOM 688  H HH22 . ARG B 1 12 ? -3.642  1.736   -20.011 1.00 0.00 ? 35 ARG C HH22 1 
ATOM 689  N N    . GLU B 1 13 ? 1.669   -2.146  -14.803 1.00 0.00 ? 36 GLU C N    1 
ATOM 690  C CA   . GLU B 1 13 ? 1.118   -3.304  -14.105 1.00 0.00 ? 36 GLU C CA   1 
ATOM 691  C C    . GLU B 1 13 ? 1.522   -3.347  -12.634 1.00 0.00 ? 36 GLU C C    1 
ATOM 692  O O    . GLU B 1 13 ? 0.822   -3.828  -11.761 1.00 0.00 ? 36 GLU C O    1 
ATOM 693  C CB   . GLU B 1 13 ? 1.699   -4.556  -14.762 1.00 0.00 ? 36 GLU C CB   1 
ATOM 694  C CG   . GLU B 1 13 ? 0.634   -5.618  -15.054 1.00 0.00 ? 36 GLU C CG   1 
ATOM 695  C CD   . GLU B 1 13 ? 0.914   -6.033  -16.485 1.00 0.00 ? 36 GLU C CD   1 
ATOM 696  O OE1  . GLU B 1 13 ? 1.881   -6.772  -16.689 1.00 0.00 ? 36 GLU C OE1  1 
ATOM 697  O OE2  . GLU B 1 13 ? 0.249   -5.507  -17.366 1.00 0.00 ? 36 GLU C OE2  1 
ATOM 698  H H    . GLU B 1 13 ? 2.002   -2.306  -15.733 1.00 0.00 ? 36 GLU C H    1 
ATOM 699  H HA   . GLU B 1 13 ? 0.033   -3.233  -14.199 1.00 0.00 ? 36 GLU C HA   1 
ATOM 700  H HB2  . GLU B 1 13 ? 2.195   -4.237  -15.681 1.00 0.00 ? 36 GLU C HB2  1 
ATOM 701  H HB3  . GLU B 1 13 ? 2.503   -5.029  -14.199 1.00 0.00 ? 36 GLU C HB3  1 
ATOM 702  H HG2  . GLU B 1 13 ? 0.699   -6.479  -14.388 1.00 0.00 ? 36 GLU C HG2  1 
ATOM 703  H HG3  . GLU B 1 13 ? -0.388  -5.234  -14.975 1.00 0.00 ? 36 GLU C HG3  1 
ATOM 704  N N    . ARG B 1 14 ? 2.727   -2.812  -12.379 1.00 0.00 ? 37 ARG C N    1 
ATOM 705  C CA   . ARG B 1 14 ? 3.164   -2.782  -11.006 1.00 0.00 ? 37 ARG C CA   1 
ATOM 706  C C    . ARG B 1 14 ? 2.274   -1.884  -10.149 1.00 0.00 ? 37 ARG C C    1 
ATOM 707  O O    . ARG B 1 14 ? 1.917   -2.301  -9.062  1.00 0.00 ? 37 ARG C O    1 
ATOM 708  C CB   . ARG B 1 14 ? 4.639   -2.401  -10.897 1.00 0.00 ? 37 ARG C CB   1 
ATOM 709  C CG   . ARG B 1 14 ? 5.552   -3.623  -10.972 1.00 0.00 ? 37 ARG C CG   1 
ATOM 710  C CD   . ARG B 1 14 ? 6.646   -3.556  -9.912  1.00 0.00 ? 37 ARG C CD   1 
ATOM 711  N NE   . ARG B 1 14 ? 6.658   -4.803  -9.160  1.00 0.00 ? 37 ARG C NE   1 
ATOM 712  C CZ   . ARG B 1 14 ? 7.675   -5.092  -8.335  1.00 0.00 ? 37 ARG C CZ   1 
ATOM 713  N NH1  . ARG B 1 14 ? 8.637   -4.176  -8.180  1.00 0.00 ? 37 ARG C NH1  1 
ATOM 714  N NH2  . ARG B 1 14 ? 7.702   -6.263  -7.698  1.00 0.00 ? 37 ARG C NH2  1 
ATOM 715  H H    . ARG B 1 14 ? 3.206   -2.381  -13.138 1.00 0.00 ? 37 ARG C H    1 
ATOM 716  H HA   . ARG B 1 14 ? 3.016   -3.789  -10.609 1.00 0.00 ? 37 ARG C HA   1 
ATOM 717  H HB2  . ARG B 1 14 ? 4.941   -1.700  -11.658 1.00 0.00 ? 37 ARG C HB2  1 
ATOM 718  H HB3  . ARG B 1 14 ? 4.798   -1.857  -9.972  1.00 0.00 ? 37 ARG C HB3  1 
ATOM 719  H HG2  . ARG B 1 14 ? 4.974   -4.540  -10.851 1.00 0.00 ? 37 ARG C HG2  1 
ATOM 720  H HG3  . ARG B 1 14 ? 5.986   -3.691  -11.970 1.00 0.00 ? 37 ARG C HG3  1 
ATOM 721  H HD2  . ARG B 1 14 ? 7.617   -3.390  -10.380 1.00 0.00 ? 37 ARG C HD2  1 
ATOM 722  H HD3  . ARG B 1 14 ? 6.472   -2.770  -9.179  1.00 0.00 ? 37 ARG C HD3  1 
ATOM 723  H HE   . ARG B 1 14 ? 5.867   -5.408  -9.299  1.00 0.00 ? 37 ARG C HE   1 
ATOM 724  H HH11 . ARG B 1 14 ? 8.458   -3.258  -8.569  1.00 0.00 ? 37 ARG C HH11 1 
ATOM 725  H HH12 . ARG B 1 14 ? 9.498   -4.361  -7.707  1.00 0.00 ? 37 ARG C HH12 1 
ATOM 726  H HH21 . ARG B 1 14 ? 6.958   -6.921  -7.860  1.00 0.00 ? 37 ARG C HH21 1 
ATOM 727  H HH22 . ARG B 1 14 ? 8.429   -6.526  -7.062  1.00 0.00 ? 37 ARG C HH22 1 
ATOM 728  N N    . PHE B 1 15 ? 1.941   -0.678  -10.641 1.00 0.00 ? 38 PHE C N    1 
ATOM 729  C CA   . PHE B 1 15 ? 1.102   0.199   -9.813  1.00 0.00 ? 38 PHE C CA   1 
ATOM 730  C C    . PHE B 1 15 ? -0.279  -0.400  -9.586  1.00 0.00 ? 38 PHE C C    1 
ATOM 731  O O    . PHE B 1 15 ? -0.806  -0.412  -8.487  1.00 0.00 ? 38 PHE C O    1 
ATOM 732  C CB   . PHE B 1 15 ? 0.962   1.594   -10.433 1.00 0.00 ? 38 PHE C CB   1 
ATOM 733  C CG   . PHE B 1 15 ? 0.461   2.675   -9.493  1.00 0.00 ? 38 PHE C CG   1 
ATOM 734  C CD1  . PHE B 1 15 ? 0.744   2.652   -8.129  1.00 0.00 ? 38 PHE C CD1  1 
ATOM 735  C CD2  . PHE B 1 15 ? -0.230  3.776   -9.995  1.00 0.00 ? 38 PHE C CD2  1 
ATOM 736  C CE1  . PHE B 1 15 ? 0.414   3.710   -7.308  1.00 0.00 ? 38 PHE C CE1  1 
ATOM 737  C CE2  . PHE B 1 15 ? -0.571  4.842   -9.169  1.00 0.00 ? 38 PHE C CE2  1 
ATOM 738  C CZ   . PHE B 1 15 ? -0.239  4.816   -7.821  1.00 0.00 ? 38 PHE C CZ   1 
ATOM 739  H H    . PHE B 1 15 ? 2.230   -0.394  -11.558 1.00 0.00 ? 38 PHE C H    1 
ATOM 740  H HA   . PHE B 1 15 ? 1.599   0.250   -8.855  1.00 0.00 ? 38 PHE C HA   1 
ATOM 741  H HB2  . PHE B 1 15 ? 1.953   1.883   -10.760 1.00 0.00 ? 38 PHE C HB2  1 
ATOM 742  H HB3  . PHE B 1 15 ? 0.349   1.575   -11.336 1.00 0.00 ? 38 PHE C HB3  1 
ATOM 743  H HD1  . PHE B 1 15 ? 1.229   1.817   -7.661  1.00 0.00 ? 38 PHE C HD1  1 
ATOM 744  H HD2  . PHE B 1 15 ? -0.488  3.809   -11.046 1.00 0.00 ? 38 PHE C HD2  1 
ATOM 745  H HE1  . PHE B 1 15 ? 0.680   3.659   -6.267  1.00 0.00 ? 38 PHE C HE1  1 
ATOM 746  H HE2  . PHE B 1 15 ? -1.082  5.704   -9.572  1.00 0.00 ? 38 PHE C HE2  1 
ATOM 747  H HZ   . PHE B 1 15 ? -0.486  5.640   -7.165  1.00 0.00 ? 38 PHE C HZ   1 
ATOM 748  N N    . GLU B 1 16 ? -0.772  -0.904  -10.717 1.00 0.00 ? 39 GLU C N    1 
ATOM 749  C CA   . GLU B 1 16 ? -2.080  -1.523  -10.785 1.00 0.00 ? 39 GLU C CA   1 
ATOM 750  C C    . GLU B 1 16 ? -2.210  -2.637  -9.735  1.00 0.00 ? 39 GLU C C    1 
ATOM 751  O O    . GLU B 1 16 ? -3.111  -2.619  -8.916  1.00 0.00 ? 39 GLU C O    1 
ATOM 752  C CB   . GLU B 1 16 ? -2.247  -2.024  -12.198 1.00 0.00 ? 39 GLU C CB   1 
ATOM 753  C CG   . GLU B 1 16 ? -3.664  -2.490  -12.504 1.00 0.00 ? 39 GLU C CG   1 
ATOM 754  C CD   . GLU B 1 16 ? -3.543  -3.058  -13.908 1.00 0.00 ? 39 GLU C CD   1 
ATOM 755  O OE1  . GLU B 1 16 ? -3.335  -2.269  -14.839 1.00 0.00 ? 39 GLU C OE1  1 
ATOM 756  O OE2  . GLU B 1 16 ? -3.559  -4.273  -14.019 1.00 0.00 ? 39 GLU C OE2  1 
ATOM 757  H H    . GLU B 1 16 ? -0.262  -0.845  -11.573 1.00 0.00 ? 39 GLU C H    1 
ATOM 758  H HA   . GLU B 1 16 ? -2.814  -0.744  -10.600 1.00 0.00 ? 39 GLU C HA   1 
ATOM 759  H HB2  . GLU B 1 16 ? -2.003  -1.217  -12.892 1.00 0.00 ? 39 GLU C HB2  1 
ATOM 760  H HB3  . GLU B 1 16 ? -1.537  -2.828  -12.391 1.00 0.00 ? 39 GLU C HB3  1 
ATOM 761  H HG2  . GLU B 1 16 ? -3.997  -3.259  -11.800 1.00 0.00 ? 39 GLU C HG2  1 
ATOM 762  H HG3  . GLU B 1 16 ? -4.396  -1.682  -12.475 1.00 0.00 ? 39 GLU C HG3  1 
ATOM 763  N N    . LYS B 1 17 ? -1.181  -3.502  -9.726  1.00 0.00 ? 40 LYS C N    1 
ATOM 764  C CA   . LYS B 1 17 ? -1.027  -4.560  -8.725  1.00 0.00 ? 40 LYS C CA   1 
ATOM 765  C C    . LYS B 1 17 ? -1.219  -4.035  -7.284  1.00 0.00 ? 40 LYS C C    1 
ATOM 766  O O    . LYS B 1 17 ? -1.748  -4.707  -6.410  1.00 0.00 ? 40 LYS C O    1 
ATOM 767  C CB   . LYS B 1 17 ? 0.382   -5.196  -8.875  1.00 0.00 ? 40 LYS C CB   1 
ATOM 768  C CG   . LYS B 1 17 ? 0.339   -6.658  -9.345  1.00 0.00 ? 40 LYS C CG   1 
ATOM 769  C CD   . LYS B 1 17 ? 0.250   -7.621  -8.153  1.00 0.00 ? 40 LYS C CD   1 
ATOM 770  C CE   . LYS B 1 17 ? -0.046  -9.075  -8.547  1.00 0.00 ? 40 LYS C CE   1 
ATOM 771  N NZ   . LYS B 1 17 ? -0.340  -9.880  -7.358  1.00 0.00 ? 40 LYS C NZ   1 
ATOM 772  H H    . LYS B 1 17 ? -0.586  -3.494  -10.526 1.00 0.00 ? 40 LYS C H    1 
ATOM 773  H HA   . LYS B 1 17 ? -1.823  -5.281  -8.928  1.00 0.00 ? 40 LYS C HA   1 
ATOM 774  H HB2  . LYS B 1 17 ? 0.968   -4.619  -9.583  1.00 0.00 ? 40 LYS C HB2  1 
ATOM 775  H HB3  . LYS B 1 17 ? 0.949   -5.136  -7.945  1.00 0.00 ? 40 LYS C HB3  1 
ATOM 776  H HG2  . LYS B 1 17 ? -0.507  -6.802  -10.019 1.00 0.00 ? 40 LYS C HG2  1 
ATOM 777  H HG3  . LYS B 1 17 ? 1.226   -6.891  -9.934  1.00 0.00 ? 40 LYS C HG3  1 
ATOM 778  H HD2  . LYS B 1 17 ? 1.174   -7.564  -7.575  1.00 0.00 ? 40 LYS C HD2  1 
ATOM 779  H HD3  . LYS B 1 17 ? -0.542  -7.266  -7.492  1.00 0.00 ? 40 LYS C HD3  1 
ATOM 780  H HE2  . LYS B 1 17 ? -0.916  -9.120  -9.206  1.00 0.00 ? 40 LYS C HE2  1 
ATOM 781  H HE3  . LYS B 1 17 ? 0.792   -9.524  -9.088  1.00 0.00 ? 40 LYS C HE3  1 
ATOM 782  H HZ1  . LYS B 1 17 ? -1.066  -9.397  -6.788  1.00 0.00 ? 40 LYS C HZ1  1 
ATOM 783  H HZ2  . LYS B 1 17 ? -0.712  -10.824 -7.589  1.00 0.00 ? 40 LYS C HZ2  1 
ATOM 784  H HZ3  . LYS B 1 17 ? 0.504   -9.976  -6.763  1.00 0.00 ? 40 LYS C HZ3  1 
ATOM 785  N N    . ILE B 1 18 ? -0.735  -2.800  -7.080  1.00 0.00 ? 41 ILE C N    1 
ATOM 786  C CA   . ILE B 1 18 ? -0.845  -2.182  -5.772  1.00 0.00 ? 41 ILE C CA   1 
ATOM 787  C C    . ILE B 1 18 ? -2.275  -1.702  -5.498  1.00 0.00 ? 41 ILE C C    1 
ATOM 788  O O    . ILE B 1 18 ? -2.691  -1.603  -4.359  1.00 0.00 ? 41 ILE C O    1 
ATOM 789  C CB   . ILE B 1 18 ? 0.177   -1.047  -5.608  1.00 0.00 ? 41 ILE C CB   1 
ATOM 790  C CG1  . ILE B 1 18 ? 1.591   -1.509  -5.934  1.00 0.00 ? 41 ILE C CG1  1 
ATOM 791  C CG2  . ILE B 1 18 ? 0.210   -0.485  -4.202  1.00 0.00 ? 41 ILE C CG2  1 
ATOM 792  C CD1  . ILE B 1 18 ? 2.068   -2.802  -5.265  1.00 0.00 ? 41 ILE C CD1  1 
ATOM 793  H H    . ILE B 1 18 ? -0.335  -2.288  -7.831  1.00 0.00 ? 41 ILE C H    1 
ATOM 794  H HA   . ILE B 1 18 ? -0.604  -2.953  -5.049  1.00 0.00 ? 41 ILE C HA   1 
ATOM 795  H HB   . ILE B 1 18 ? -0.090  -0.225  -6.273  1.00 0.00 ? 41 ILE C HB   1 
ATOM 796  H HG12 . ILE B 1 18 ? 1.636   -1.634  -7.000  1.00 0.00 ? 41 ILE C HG12 1 
ATOM 797  H HG13 . ILE B 1 18 ? 2.274   -0.719  -5.658  1.00 0.00 ? 41 ILE C HG13 1 
ATOM 798  H HG21 . ILE B 1 18 ? -0.753  -0.084  -3.886  1.00 0.00 ? 41 ILE C HG21 1 
ATOM 799  H HG22 . ILE B 1 18 ? 0.481   -1.300  -3.551  1.00 0.00 ? 41 ILE C HG22 1 
ATOM 800  H HG23 . ILE B 1 18 ? 0.984   0.262   -4.088  1.00 0.00 ? 41 ILE C HG23 1 
ATOM 801  H HD11 . ILE B 1 18 ? 1.595   -2.968  -4.299  1.00 0.00 ? 41 ILE C HD11 1 
ATOM 802  H HD12 . ILE B 1 18 ? 1.840   -3.661  -5.894  1.00 0.00 ? 41 ILE C HD12 1 
ATOM 803  H HD13 . ILE B 1 18 ? 3.146   -2.778  -5.105  1.00 0.00 ? 41 ILE C HD13 1 
ATOM 804  N N    . ARG B 1 19 ? -3.017  -1.389  -6.547  1.00 0.00 ? 42 ARG C N    1 
ATOM 805  C CA   . ARG B 1 19 ? -4.417  -1.011  -6.373  1.00 0.00 ? 42 ARG C CA   1 
ATOM 806  C C    . ARG B 1 19 ? -5.228  -2.197  -5.801  1.00 0.00 ? 42 ARG C C    1 
ATOM 807  O O    . ARG B 1 19 ? -5.990  -2.041  -4.860  1.00 0.00 ? 42 ARG C O    1 
ATOM 808  C CB   . ARG B 1 19 ? -4.979  -0.487  -7.702  1.00 0.00 ? 42 ARG C CB   1 
ATOM 809  C CG   . ARG B 1 19 ? -4.007  0.460   -8.427  1.00 0.00 ? 42 ARG C CG   1 
ATOM 810  C CD   . ARG B 1 19 ? -3.639  1.731   -7.641  1.00 0.00 ? 42 ARG C CD   1 
ATOM 811  N NE   . ARG B 1 19 ? -4.820  2.548   -7.407  1.00 0.00 ? 42 ARG C NE   1 
ATOM 812  C CZ   . ARG B 1 19 ? -5.494  3.146   -8.411  1.00 0.00 ? 42 ARG C CZ   1 
ATOM 813  N NH1  . ARG B 1 19 ? -4.992  3.082   -9.645  1.00 0.00 ? 42 ARG C NH1  1 
ATOM 814  N NH2  . ARG B 1 19 ? -6.629  3.784   -8.165  1.00 0.00 ? 42 ARG C NH2  1 
ATOM 815  H H    . ARG B 1 19 ? -2.619  -1.517  -7.450  1.00 0.00 ? 42 ARG C H    1 
ATOM 816  H HA   . ARG B 1 19 ? -4.440  -0.210  -5.632  1.00 0.00 ? 42 ARG C HA   1 
ATOM 817  H HB2  . ARG B 1 19 ? -5.194  -1.334  -8.360  1.00 0.00 ? 42 ARG C HB2  1 
ATOM 818  H HB3  . ARG B 1 19 ? -5.939  -0.002  -7.523  1.00 0.00 ? 42 ARG C HB3  1 
ATOM 819  H HG2  . ARG B 1 19 ? -3.086  -0.062  -8.647  1.00 0.00 ? 42 ARG C HG2  1 
ATOM 820  H HG3  . ARG B 1 19 ? -4.423  0.689   -9.405  1.00 0.00 ? 42 ARG C HG3  1 
ATOM 821  H HD2  . ARG B 1 19 ? -3.232  1.489   -6.658  1.00 0.00 ? 42 ARG C HD2  1 
ATOM 822  H HD3  . ARG B 1 19 ? -2.888  2.334   -8.156  1.00 0.00 ? 42 ARG C HD3  1 
ATOM 823  H HE   . ARG B 1 19 ? -5.159  2.587   -6.461  1.00 0.00 ? 42 ARG C HE   1 
ATOM 824  H HH11 . ARG B 1 19 ? -4.099  2.636   -9.783  1.00 0.00 ? 42 ARG C HH11 1 
ATOM 825  H HH12 . ARG B 1 19 ? -5.484  3.439   -10.437 1.00 0.00 ? 42 ARG C HH12 1 
ATOM 826  H HH21 . ARG B 1 19 ? -7.002  3.767   -7.233  1.00 0.00 ? 42 ARG C HH21 1 
ATOM 827  H HH22 . ARG B 1 19 ? -7.149  4.245   -8.877  1.00 0.00 ? 42 ARG C HH22 1 
ATOM 828  N N    . GLU B 1 20 ? -4.951  -3.387  -6.355  1.00 0.00 ? 43 GLU C N    1 
ATOM 829  C CA   . GLU B 1 20 ? -5.576  -4.610  -5.833  1.00 0.00 ? 43 GLU C CA   1 
ATOM 830  C C    . GLU B 1 20 ? -5.037  -4.926  -4.418  1.00 0.00 ? 43 GLU C C    1 
ATOM 831  O O    . GLU B 1 20 ? -5.744  -5.342  -3.503  1.00 0.00 ? 43 GLU C O    1 
ATOM 832  C CB   . GLU B 1 20 ? -5.292  -5.745  -6.834  1.00 0.00 ? 43 GLU C CB   1 
ATOM 833  C CG   . GLU B 1 20 ? -6.514  -6.056  -7.712  1.00 0.00 ? 43 GLU C CG   1 
ATOM 834  C CD   . GLU B 1 20 ? -6.125  -6.792  -9.002  1.00 0.00 ? 43 GLU C CD   1 
ATOM 835  O OE1  . GLU B 1 20 ? -5.283  -7.693  -8.948  1.00 0.00 ? 43 GLU C OE1  1 
ATOM 836  O OE2  . GLU B 1 20 ? -6.658  -6.453  -10.056 1.00 0.00 ? 43 GLU C OE2  1 
ATOM 837  H H    . GLU B 1 20 ? -4.379  -3.467  -7.174  1.00 0.00 ? 43 GLU C H    1 
ATOM 838  H HA   . GLU B 1 20 ? -6.649  -4.423  -5.746  1.00 0.00 ? 43 GLU C HA   1 
ATOM 839  H HB2  . GLU B 1 20 ? -4.444  -5.474  -7.467  1.00 0.00 ? 43 GLU C HB2  1 
ATOM 840  H HB3  . GLU B 1 20 ? -5.000  -6.667  -6.330  1.00 0.00 ? 43 GLU C HB3  1 
ATOM 841  H HG2  . GLU B 1 20 ? -7.227  -6.670  -7.159  1.00 0.00 ? 43 GLU C HG2  1 
ATOM 842  H HG3  . GLU B 1 20 ? -7.045  -5.139  -7.973  1.00 0.00 ? 43 GLU C HG3  1 
ATOM 843  N N    . TYR B 1 21 ? -3.730  -4.614  -4.299  1.00 0.00 ? 44 TYR C N    1 
ATOM 844  C CA   . TYR B 1 21 ? -3.139  -4.755  -2.968  1.00 0.00 ? 44 TYR C CA   1 
ATOM 845  C C    . TYR B 1 21 ? -3.900  -3.877  -1.940  1.00 0.00 ? 44 TYR C C    1 
ATOM 846  O O    . TYR B 1 21 ? -3.917  -4.158  -0.757  1.00 0.00 ? 44 TYR C O    1 
ATOM 847  C CB   . TYR B 1 21 ? -1.580  -4.642  -3.056  1.00 0.00 ? 44 TYR C CB   1 
ATOM 848  C CG   . TYR B 1 21 ? -0.804  -3.567  -2.301  1.00 0.00 ? 44 TYR C CG   1 
ATOM 849  C CD1  . TYR B 1 21 ? -1.332  -2.337  -1.930  1.00 0.00 ? 44 TYR C CD1  1 
ATOM 850  C CD2  . TYR B 1 21 ? 0.533   -3.796  -1.966  1.00 0.00 ? 44 TYR C CD2  1 
ATOM 851  C CE1  . TYR B 1 21 ? -0.592  -1.384  -1.274  1.00 0.00 ? 44 TYR C CE1  1 
ATOM 852  C CE2  . TYR B 1 21 ? 1.292   -2.846  -1.292  1.00 0.00 ? 44 TYR C CE2  1 
ATOM 853  C CZ   . TYR B 1 21 ? 0.733   -1.623  -0.977  1.00 0.00 ? 44 TYR C CZ   1 
ATOM 854  O OH   . TYR B 1 21 ? 1.506   -0.610  -0.441  1.00 0.00 ? 44 TYR C OH   1 
ATOM 855  H H    . TYR B 1 21 ? -3.221  -4.414  -5.134  1.00 0.00 ? 44 TYR C H    1 
ATOM 856  H HA   . TYR B 1 21 ? -3.359  -5.785  -2.675  1.00 0.00 ? 44 TYR C HA   1 
ATOM 857  H HB2  . TYR B 1 21 ? -1.190  -5.607  -2.732  1.00 0.00 ? 44 TYR C HB2  1 
ATOM 858  H HB3  . TYR B 1 21 ? -1.285  -4.619  -4.098  1.00 0.00 ? 44 TYR C HB3  1 
ATOM 859  H HD1  . TYR B 1 21 ? -2.327  -2.029  -2.148  1.00 0.00 ? 44 TYR C HD1  1 
ATOM 860  H HD2  . TYR B 1 21 ? 0.983   -4.746  -2.215  1.00 0.00 ? 44 TYR C HD2  1 
ATOM 861  H HE1  . TYR B 1 21 ? -1.120  -0.473  -1.057  1.00 0.00 ? 44 TYR C HE1  1 
ATOM 862  H HE2  . TYR B 1 21 ? 2.307   -3.078  -1.007  1.00 0.00 ? 44 TYR C HE2  1 
ATOM 863  H HH   . TYR B 1 21 ? 1.411   0.151   -0.995  1.00 0.00 ? 44 TYR C HH   1 
ATOM 864  N N    . ASN B 1 22 ? -4.507  -2.773  -2.438  1.00 0.00 ? 45 ASN C N    1 
ATOM 865  C CA   . ASN B 1 22 ? -5.212  -1.891  -1.506  1.00 0.00 ? 45 ASN C CA   1 
ATOM 866  C C    . ASN B 1 22 ? -6.544  -2.529  -1.105  1.00 0.00 ? 45 ASN C C    1 
ATOM 867  O O    . ASN B 1 22 ? -7.004  -2.341  0.010   1.00 0.00 ? 45 ASN C O    1 
ATOM 868  C CB   . ASN B 1 22 ? -5.423  -0.465  -2.072  1.00 0.00 ? 45 ASN C CB   1 
ATOM 869  C CG   . ASN B 1 22 ? -4.319  0.509   -1.622  1.00 0.00 ? 45 ASN C CG   1 
ATOM 870  O OD1  . ASN B 1 22 ? -4.393  1.170   -0.590  1.00 0.00 ? 45 ASN C OD1  1 
ATOM 871  N ND2  . ASN B 1 22 ? -3.253  0.529   -2.416  1.00 0.00 ? 45 ASN C ND2  1 
ATOM 872  H H    . ASN B 1 22 ? -4.544  -2.624  -3.425  1.00 0.00 ? 45 ASN C H    1 
ATOM 873  H HA   . ASN B 1 22 ? -4.620  -1.839  -0.588  1.00 0.00 ? 45 ASN C HA   1 
ATOM 874  H HB2  . ASN B 1 22 ? -5.479  -0.476  -3.160  1.00 0.00 ? 45 ASN C HB2  1 
ATOM 875  H HB3  . ASN B 1 22 ? -6.371  -0.048  -1.732  1.00 0.00 ? 45 ASN C HB3  1 
ATOM 876  H HD21 . ASN B 1 22 ? -3.231  -0.040  -3.237  1.00 0.00 ? 45 ASN C HD21 1 
ATOM 877  H HD22 . ASN B 1 22 ? -2.483  1.103   -2.176  1.00 0.00 ? 45 ASN C HD22 1 
ATOM 878  N N    . GLU B 1 23 ? -7.126  -3.313  -2.024  1.00 0.00 ? 46 GLU C N    1 
ATOM 879  C CA   . GLU B 1 23 ? -8.390  -3.982  -1.716  1.00 0.00 ? 46 GLU C CA   1 
ATOM 880  C C    . GLU B 1 23 ? -8.212  -4.934  -0.508  1.00 0.00 ? 46 GLU C C    1 
ATOM 881  O O    . GLU B 1 23 ? -8.970  -4.957  0.449   1.00 0.00 ? 46 GLU C O    1 
ATOM 882  C CB   . GLU B 1 23 ? -8.835  -4.737  -2.978  1.00 0.00 ? 46 GLU C CB   1 
ATOM 883  C CG   . GLU B 1 23 ? -10.276 -4.411  -3.391  1.00 0.00 ? 46 GLU C CG   1 
ATOM 884  C CD   . GLU B 1 23 ? -10.705 -5.374  -4.498  1.00 0.00 ? 46 GLU C CD   1 
ATOM 885  O OE1  . GLU B 1 23 ? -10.611 -6.576  -4.259  1.00 0.00 ? 46 GLU C OE1  1 
ATOM 886  O OE2  . GLU B 1 23 ? -11.123 -4.927  -5.561  1.00 0.00 ? 46 GLU C OE2  1 
ATOM 887  H H    . GLU B 1 23 ? -6.704  -3.464  -2.916  1.00 0.00 ? 46 GLU C H    1 
ATOM 888  H HA   . GLU B 1 23 ? -9.105  -3.202  -1.445  1.00 0.00 ? 46 GLU C HA   1 
ATOM 889  H HB2  . GLU B 1 23 ? -8.188  -4.501  -3.822  1.00 0.00 ? 46 GLU C HB2  1 
ATOM 890  H HB3  . GLU B 1 23 ? -8.722  -5.814  -2.830  1.00 0.00 ? 46 GLU C HB3  1 
ATOM 891  H HG2  . GLU B 1 23 ? -10.950 -4.549  -2.542  1.00 0.00 ? 46 GLU C HG2  1 
ATOM 892  H HG3  . GLU B 1 23 ? -10.372 -3.376  -3.719  1.00 0.00 ? 46 GLU C HG3  1 
ATOM 893  N N    . ALA B 1 24 ? -7.087  -5.657  -0.604  1.00 0.00 ? 47 ALA C N    1 
ATOM 894  C CA   . ALA B 1 24 ? -6.691  -6.539  0.490   1.00 0.00 ? 47 ALA C CA   1 
ATOM 895  C C    . ALA B 1 24 ? -6.570  -5.808  1.839   1.00 0.00 ? 47 ALA C C    1 
ATOM 896  O O    . ALA B 1 24 ? -6.879  -6.344  2.892   1.00 0.00 ? 47 ALA C O    1 
ATOM 897  C CB   . ALA B 1 24 ? -5.323  -7.109  0.157   1.00 0.00 ? 47 ALA C CB   1 
ATOM 898  H H    . ALA B 1 24 ? -6.563  -5.591  -1.451  1.00 0.00 ? 47 ALA C H    1 
ATOM 899  H HA   . ALA B 1 24 ? -7.449  -7.320  0.581   1.00 0.00 ? 47 ALA C HA   1 
ATOM 900  H HB1  . ALA B 1 24 ? -4.623  -6.321  -0.108  1.00 0.00 ? 47 ALA C HB1  1 
ATOM 901  H HB2  . ALA B 1 24 ? -4.926  -7.589  1.047   1.00 0.00 ? 47 ALA C HB2  1 
ATOM 902  H HB3  . ALA B 1 24 ? -5.370  -7.822  -0.661  1.00 0.00 ? 47 ALA C HB3  1 
ATOM 903  N N    . LEU B 1 25 ? -6.112  -4.555  1.749   1.00 0.00 ? 48 LEU C N    1 
ATOM 904  C CA   . LEU B 1 25 ? -6.047  -3.753  2.959   1.00 0.00 ? 48 LEU C CA   1 
ATOM 905  C C    . LEU B 1 25 ? -7.446  -3.655  3.594   1.00 0.00 ? 48 LEU C C    1 
ATOM 906  O O    . LEU B 1 25 ? -7.636  -3.728  4.798   1.00 0.00 ? 48 LEU C O    1 
ATOM 907  C CB   . LEU B 1 25 ? -5.594  -2.341  2.583   1.00 0.00 ? 48 LEU C CB   1 
ATOM 908  C CG   . LEU B 1 25 ? -4.897  -1.557  3.699   1.00 0.00 ? 48 LEU C CG   1 
ATOM 909  C CD1  . LEU B 1 25 ? -4.843  -0.099  3.272   1.00 0.00 ? 48 LEU C CD1  1 
ATOM 910  C CD2  . LEU B 1 25 ? -5.555  -1.634  5.082   1.00 0.00 ? 48 LEU C CD2  1 
ATOM 911  H H    . LEU B 1 25 ? -5.813  -4.256  0.848   1.00 0.00 ? 48 LEU C H    1 
ATOM 912  H HA   . LEU B 1 25 ? -5.347  -4.246  3.637   1.00 0.00 ? 48 LEU C HA   1 
ATOM 913  H HB2  . LEU B 1 25 ? -4.898  -2.414  1.747   1.00 0.00 ? 48 LEU C HB2  1 
ATOM 914  H HB3  . LEU B 1 25 ? -6.439  -1.760  2.213   1.00 0.00 ? 48 LEU C HB3  1 
ATOM 915  H HG   . LEU B 1 25 ? -3.889  -1.961  3.791   1.00 0.00 ? 48 LEU C HG   1 
ATOM 916  H HD11 . LEU B 1 25 ? -5.839  0.273   3.037   1.00 0.00 ? 48 LEU C HD11 1 
ATOM 917  H HD12 . LEU B 1 25 ? -4.482  0.493   4.104   1.00 0.00 ? 48 LEU C HD12 1 
ATOM 918  H HD13 . LEU B 1 25 ? -4.216  0.013   2.390   1.00 0.00 ? 48 LEU C HD13 1 
ATOM 919  H HD21 . LEU B 1 25 ? -5.680  -2.657  5.402   1.00 0.00 ? 48 LEU C HD21 1 
ATOM 920  H HD22 . LEU B 1 25 ? -4.930  -1.157  5.835   1.00 0.00 ? 48 LEU C HD22 1 
ATOM 921  H HD23 . LEU B 1 25 ? -6.540  -1.169  5.092   1.00 0.00 ? 48 LEU C HD23 1 
ATOM 922  N N    . GLU B 1 26 ? -8.421  -3.433  2.698   1.00 0.00 ? 49 GLU C N    1 
ATOM 923  C CA   . GLU B 1 26 ? -9.803  -3.248  3.122   1.00 0.00 ? 49 GLU C CA   1 
ATOM 924  C C    . GLU B 1 26 ? -10.268 -4.446  3.963   1.00 0.00 ? 49 GLU C C    1 
ATOM 925  O O    . GLU B 1 26 ? -10.899 -4.313  5.000   1.00 0.00 ? 49 GLU C O    1 
ATOM 926  C CB   . GLU B 1 26 ? -10.662 -3.020  1.868   1.00 0.00 ? 49 GLU C CB   1 
ATOM 927  C CG   . GLU B 1 26 ? -11.896 -2.154  2.138   1.00 0.00 ? 49 GLU C CG   1 
ATOM 928  C CD   . GLU B 1 26 ? -13.096 -3.066  2.409   1.00 0.00 ? 49 GLU C CD   1 
ATOM 929  O OE1  . GLU B 1 26 ? -13.679 -3.526  1.434   1.00 0.00 ? 49 GLU C OE1  1 
ATOM 930  O OE2  . GLU B 1 26 ? -13.403 -3.339  3.569   1.00 0.00 ? 49 GLU C OE2  1 
ATOM 931  H H    . GLU B 1 26 ? -8.215  -3.481  1.716   1.00 0.00 ? 49 GLU C H    1 
ATOM 932  H HA   . GLU B 1 26 ? -9.810  -2.366  3.764   1.00 0.00 ? 49 GLU C HA   1 
ATOM 933  H HB2  . GLU B 1 26 ? -10.063 -2.527  1.104   1.00 0.00 ? 49 GLU C HB2  1 
ATOM 934  H HB3  . GLU B 1 26 ? -10.953 -3.971  1.414   1.00 0.00 ? 49 GLU C HB3  1 
ATOM 935  H HG2  . GLU B 1 26 ? -11.752 -1.466  2.972   1.00 0.00 ? 49 GLU C HG2  1 
ATOM 936  H HG3  . GLU B 1 26 ? -12.128 -1.544  1.262   1.00 0.00 ? 49 GLU C HG3  1 
ATOM 937  N N    . LEU B 1 27 ? -9.811  -5.623  3.510   1.00 0.00 ? 50 LEU C N    1 
ATOM 938  C CA   . LEU B 1 27 ? -10.059 -6.843  4.265   1.00 0.00 ? 50 LEU C CA   1 
ATOM 939  C C    . LEU B 1 27 ? -9.823  -6.644  5.788   1.00 0.00 ? 50 LEU C C    1 
ATOM 940  O O    . LEU B 1 27 ? -10.688 -6.926  6.607   1.00 0.00 ? 50 LEU C O    1 
ATOM 941  C CB   . LEU B 1 27 ? -9.194  -7.964  3.685   1.00 0.00 ? 50 LEU C CB   1 
ATOM 942  C CG   . LEU B 1 27 ? -9.730  -9.365  3.978   1.00 0.00 ? 50 LEU C CG   1 
ATOM 943  C CD1  . LEU B 1 27 ? -8.790  -10.389 3.387   1.00 0.00 ? 50 LEU C CD1  1 
ATOM 944  C CD2  . LEU B 1 27 ? -9.830  -9.596  5.474   1.00 0.00 ? 50 LEU C CD2  1 
ATOM 945  H H    . LEU B 1 27 ? -9.260  -5.676  2.674   1.00 0.00 ? 50 LEU C H    1 
ATOM 946  H HA   . LEU B 1 27 ? -11.111 -7.074  4.105   1.00 0.00 ? 50 LEU C HA   1 
ATOM 947  H HB2  . LEU B 1 27 ? -9.115  -7.844  2.604   1.00 0.00 ? 50 LEU C HB2  1 
ATOM 948  H HB3  . LEU B 1 27 ? -8.178  -7.883  4.074   1.00 0.00 ? 50 LEU C HB3  1 
ATOM 949  H HG   . LEU B 1 27 ? -10.716 -9.494  3.532   1.00 0.00 ? 50 LEU C HG   1 
ATOM 950  H HD11 . LEU B 1 27 ? -7.776  -10.076 3.621   1.00 0.00 ? 50 LEU C HD11 1 
ATOM 951  H HD12 . LEU B 1 27 ? -8.952  -11.360 3.847   1.00 0.00 ? 50 LEU C HD12 1 
ATOM 952  H HD13 . LEU B 1 27 ? -8.888  -10.458 2.305   1.00 0.00 ? 50 LEU C HD13 1 
ATOM 953  H HD21 . LEU B 1 27 ? -8.964  -9.205  5.994   1.00 0.00 ? 50 LEU C HD21 1 
ATOM 954  H HD22 . LEU B 1 27 ? -10.676 -9.041  5.834   1.00 0.00 ? 50 LEU C HD22 1 
ATOM 955  H HD23 . LEU B 1 27 ? -9.959  -10.646 5.734   1.00 0.00 ? 50 LEU C HD23 1 
ATOM 956  N N    . LYS B 1 28 ? -8.667  -6.117  6.160   1.00 0.00 ? 51 LYS C N    1 
ATOM 957  C CA   . LYS B 1 28 ? -8.410  -5.887  7.576   1.00 0.00 ? 51 LYS C CA   1 
ATOM 958  C C    . LYS B 1 28 ? -9.397  -4.896  8.215   1.00 0.00 ? 51 LYS C C    1 
ATOM 959  O O    . LYS B 1 28 ? -9.900  -5.095  9.320   1.00 0.00 ? 51 LYS C O    1 
ATOM 960  C CB   . LYS B 1 28 ? -6.974  -5.395  7.637   1.00 0.00 ? 51 LYS C CB   1 
ATOM 961  C CG   . LYS B 1 28 ? -6.447  -5.063  9.027   1.00 0.00 ? 51 LYS C CG   1 
ATOM 962  C CD   . LYS B 1 28 ? -6.516  -3.561  9.287   1.00 0.00 ? 51 LYS C CD   1 
ATOM 963  C CE   . LYS B 1 28 ? -5.537  -3.168  10.379  1.00 0.00 ? 51 LYS C CE   1 
ATOM 964  N NZ   . LYS B 1 28 ? -5.634  -1.745  10.592  1.00 0.00 ? 51 LYS C NZ   1 
ATOM 965  H H    . LYS B 1 28 ? -7.996  -5.937  5.439   1.00 0.00 ? 51 LYS C H    1 
ATOM 966  H HA   . LYS B 1 28 ? -8.538  -6.820  8.113   1.00 0.00 ? 51 LYS C HA   1 
ATOM 967  H HB2  . LYS B 1 28 ? -6.331  -6.151  7.180   1.00 0.00 ? 51 LYS C HB2  1 
ATOM 968  H HB3  . LYS B 1 28 ? -6.914  -4.516  6.997   1.00 0.00 ? 51 LYS C HB3  1 
ATOM 969  H HG2  . LYS B 1 28 ? -6.987  -5.610  9.801   1.00 0.00 ? 51 LYS C HG2  1 
ATOM 970  H HG3  . LYS B 1 28 ? -5.409  -5.389  9.083   1.00 0.00 ? 51 LYS C HG3  1 
ATOM 971  H HD2  . LYS B 1 28 ? -6.265  -3.010  8.378   1.00 0.00 ? 51 LYS C HD2  1 
ATOM 972  H HD3  . LYS B 1 28 ? -7.537  -3.270  9.540   1.00 0.00 ? 51 LYS C HD3  1 
ATOM 973  H HE2  . LYS B 1 28 ? -5.740  -3.681  11.319  1.00 0.00 ? 51 LYS C HE2  1 
ATOM 974  H HE3  . LYS B 1 28 ? -4.508  -3.393  10.082  1.00 0.00 ? 51 LYS C HE3  1 
ATOM 975  H HZ1  . LYS B 1 28 ? -6.048  -1.346  9.729   1.00 0.00 ? 51 LYS C HZ1  1 
ATOM 976  H HZ2  . LYS B 1 28 ? -6.277  -1.588  11.391  1.00 0.00 ? 51 LYS C HZ2  1 
ATOM 977  H HZ3  . LYS B 1 28 ? -4.665  -1.418  10.768  1.00 0.00 ? 51 LYS C HZ3  1 
ATOM 978  N N    . ASP B 1 29 ? -9.639  -3.811  7.467   1.00 0.00 ? 52 ASP C N    1 
ATOM 979  C CA   . ASP B 1 29 ? -10.535 -2.786  7.992   1.00 0.00 ? 52 ASP C CA   1 
ATOM 980  C C    . ASP B 1 29 ? -11.985 -3.330  8.136   1.00 0.00 ? 52 ASP C C    1 
ATOM 981  O O    . ASP B 1 29 ? -12.790 -2.813  8.900   1.00 0.00 ? 52 ASP C O    1 
ATOM 982  C CB   . ASP B 1 29 ? -10.415 -1.529  7.110   1.00 0.00 ? 52 ASP C CB   1 
ATOM 983  C CG   . ASP B 1 29 ? -10.753 -0.264  7.907   1.00 0.00 ? 52 ASP C CG   1 
ATOM 984  O OD1  . ASP B 1 29 ? -11.913 0.118   7.942   1.00 0.00 ? 52 ASP C OD1  1 
ATOM 985  O OD2  . ASP B 1 29 ? -9.841  0.331   8.486   1.00 0.00 ? 52 ASP C OD2  1 
ATOM 986  H H    . ASP B 1 29 ? -9.265  -3.742  6.538   1.00 0.00 ? 52 ASP C H    1 
ATOM 987  H HA   . ASP B 1 29 ? -10.172 -2.557  8.995   1.00 0.00 ? 52 ASP C HA   1 
ATOM 988  H HB2  . ASP B 1 29 ? -9.399  -1.422  6.732   1.00 0.00 ? 52 ASP C HB2  1 
ATOM 989  H HB3  . ASP B 1 29 ? -11.055 -1.602  6.227   1.00 0.00 ? 52 ASP C HB3  1 
ATOM 990  N N    . ALA B 1 30 ? -12.226 -4.434  7.388   1.00 0.00 ? 53 ALA C N    1 
ATOM 991  C CA   . ALA B 1 30 ? -13.487 -5.173  7.378   1.00 0.00 ? 53 ALA C CA   1 
ATOM 992  C C    . ALA B 1 30 ? -13.544 -6.222  8.515   1.00 0.00 ? 53 ALA C C    1 
ATOM 993  O O    . ALA B 1 30 ? -14.101 -5.991  9.580   1.00 0.00 ? 53 ALA C O    1 
ATOM 994  C CB   . ALA B 1 30 ? -13.679 -5.841  6.002   1.00 0.00 ? 53 ALA C CB   1 
ATOM 995  H H    . ALA B 1 30 ? -11.525 -4.759  6.753   1.00 0.00 ? 53 ALA C H    1 
ATOM 996  H HA   . ALA B 1 30 ? -14.288 -4.455  7.549   1.00 0.00 ? 53 ALA C HA   1 
ATOM 997  H HB1  . ALA B 1 30 ? -12.792 -6.379  5.676   1.00 0.00 ? 53 ALA C HB1  1 
ATOM 998  H HB2  . ALA B 1 30 ? -14.507 -6.551  5.999   1.00 0.00 ? 53 ALA C HB2  1 
ATOM 999  H HB3  . ALA B 1 30 ? -13.888 -5.096  5.240   1.00 0.00 ? 53 ALA C HB3  1 
ATOM 1000 N N    . GLN B 1 31 ? -13.000 -7.419  8.224   1.00 0.00 ? 54 GLN C N    1 
ATOM 1001 C CA   . GLN B 1 31 ? -13.045 -8.467  9.241   1.00 0.00 ? 54 GLN C CA   1 
ATOM 1002 C C    . GLN B 1 31 ? -11.789 -8.347  10.134  1.00 0.00 ? 54 GLN C C    1 
ATOM 1003 O O    . GLN B 1 31 ? -11.386 -7.275  10.573  1.00 0.00 ? 54 GLN C O    1 
ATOM 1004 C CB   . GLN B 1 31 ? -13.277 -9.856  8.592   1.00 0.00 ? 54 GLN C CB   1 
ATOM 1005 C CG   . GLN B 1 31 ? -12.138 -10.341 7.676   1.00 0.00 ? 54 GLN C CG   1 
ATOM 1006 C CD   . GLN B 1 31 ? -12.613 -10.539 6.227   1.00 0.00 ? 54 GLN C CD   1 
ATOM 1007 O OE1  . GLN B 1 31 ? -12.950 -9.596  5.535   1.00 0.00 ? 54 GLN C OE1  1 
ATOM 1008 N NE2  . GLN B 1 31 ? -12.553 -11.795 5.783   1.00 0.00 ? 54 GLN C NE2  1 
ATOM 1009 H H    . GLN B 1 31 ? -12.494 -7.467  7.363   1.00 0.00 ? 54 GLN C H    1 
ATOM 1010 H HA   . GLN B 1 31 ? -13.908 -8.284  9.884   1.00 0.00 ? 54 GLN C HA   1 
ATOM 1011 H HB2  . GLN B 1 31 ? -13.458 -10.599 9.369   1.00 0.00 ? 54 GLN C HB2  1 
ATOM 1012 H HB3  . GLN B 1 31 ? -14.217 -9.809  8.041   1.00 0.00 ? 54 GLN C HB3  1 
ATOM 1013 H HG2  . GLN B 1 31 ? -11.333 -9.606  7.679   1.00 0.00 ? 54 GLN C HG2  1 
ATOM 1014 H HG3  . GLN B 1 31 ? -11.687 -11.262 8.042   1.00 0.00 ? 54 GLN C HG3  1 
ATOM 1015 H HE21 . GLN B 1 31 ? -12.302 -12.573 6.345   1.00 0.00 ? 54 GLN C HE21 1 
ATOM 1016 H HE22 . GLN B 1 31 ? -12.724 -11.825 4.796   1.00 0.00 ? 54 GLN C HE22 1 
# 
